data_6C6B
#
_entry.id   6C6B
#
_cell.length_a   86.330
_cell.length_b   86.330
_cell.length_c   160.810
_cell.angle_alpha   90.000
_cell.angle_beta   90.000
_cell.angle_gamma   120.000
#
_symmetry.space_group_name_H-M   'P 31'
#
loop_
_entity.id
_entity.type
_entity.pdbx_description
1 polymer 'Adenylyl-sulfate kinase'
2 non-polymer "ADENOSINE-5'-DIPHOSPHATE"
3 non-polymer 1,2-ETHANEDIOL
4 water water
#
_entity_poly.entity_id   1
_entity_poly.type   'polypeptide(L)'
_entity_poly.pdbx_seq_one_letter_code
;MAHHHHHHMATNITFHPGAVTQDERDTLLGQKGCTVWLTGLSASGKSTIATALEQHLLHKKLHAYRLDGDNIRFGLNKDL
GFDQASRVENIRRIGEVSLLFALSSTISVTAFISPYISDRQLARELHEKHSSAIPFIEVFIDAPLSVVEQRDPKGLYKKA
RAGEIKDFTGISAPYEAPANPEIHIRTDEVDVAGAVEIITKYLADNGLIPA
;
_entity_poly.pdbx_strand_id   A,B,C,D,E,F
#
loop_
_chem_comp.id
_chem_comp.type
_chem_comp.name
_chem_comp.formula
ADP non-polymer ADENOSINE-5'-DIPHOSPHATE 'C10 H15 N5 O10 P2'
EDO non-polymer 1,2-ETHANEDIOL 'C2 H6 O2'
#
# COMPACT_ATOMS: atom_id res chain seq x y z
N ASN A 12 -36.39 -4.05 9.26
CA ASN A 12 -36.08 -4.70 7.99
C ASN A 12 -35.25 -5.96 8.24
N ILE A 13 -35.82 -6.87 9.02
CA ILE A 13 -35.16 -8.10 9.41
C ILE A 13 -35.96 -9.26 8.84
N THR A 14 -35.33 -10.07 8.00
CA THR A 14 -35.99 -11.16 7.30
C THR A 14 -35.18 -12.43 7.45
N PHE A 15 -35.85 -13.56 7.68
CA PHE A 15 -35.21 -14.85 7.79
C PHE A 15 -36.28 -15.92 7.62
N HIS A 16 -35.87 -17.08 7.02
CA HIS A 16 -36.73 -18.26 7.01
C HIS A 16 -36.44 -19.13 8.22
N PRO A 17 -37.36 -20.02 8.58
CA PRO A 17 -37.10 -20.93 9.69
C PRO A 17 -35.89 -21.80 9.42
N GLY A 18 -35.22 -22.19 10.49
CA GLY A 18 -34.09 -23.06 10.35
C GLY A 18 -32.84 -22.34 9.92
N ALA A 19 -31.82 -23.13 9.63
CA ALA A 19 -30.52 -22.58 9.31
C ALA A 19 -30.43 -22.18 7.84
N VAL A 20 -29.56 -21.21 7.59
CA VAL A 20 -29.22 -20.84 6.23
C VAL A 20 -28.65 -22.08 5.52
N THR A 21 -29.03 -22.27 4.26
CA THR A 21 -28.41 -23.36 3.51
C THR A 21 -27.04 -22.91 3.01
N GLN A 22 -26.24 -23.88 2.55
CA GLN A 22 -24.91 -23.56 2.05
C GLN A 22 -24.96 -22.68 0.81
N ASP A 23 -25.87 -22.98 -0.11
CA ASP A 23 -26.02 -22.16 -1.31
C ASP A 23 -26.45 -20.75 -0.95
N GLU A 24 -27.36 -20.62 0.02
CA GLU A 24 -27.79 -19.28 0.43
C GLU A 24 -26.59 -18.49 0.95
N ARG A 25 -25.81 -19.10 1.85
CA ARG A 25 -24.67 -18.40 2.45
C ARG A 25 -23.66 -18.01 1.39
N ASP A 26 -23.28 -18.97 0.53
CA ASP A 26 -22.33 -18.70 -0.53
C ASP A 26 -22.81 -17.55 -1.42
N THR A 27 -24.10 -17.55 -1.77
CA THR A 27 -24.60 -16.50 -2.64
C THR A 27 -24.53 -15.16 -1.96
N LEU A 28 -25.02 -15.07 -0.71
CA LEU A 28 -25.04 -13.78 -0.01
C LEU A 28 -23.64 -13.22 0.21
N LEU A 29 -22.66 -14.08 0.47
CA LEU A 29 -21.32 -13.60 0.75
C LEU A 29 -20.46 -13.50 -0.51
N GLY A 30 -20.99 -13.91 -1.67
CA GLY A 30 -20.26 -13.80 -2.94
C GLY A 30 -19.00 -14.64 -2.99
N GLN A 31 -18.98 -15.76 -2.27
CA GLN A 31 -17.77 -16.53 -2.12
C GLN A 31 -18.12 -17.94 -1.68
N LYS A 32 -17.35 -18.91 -2.15
CA LYS A 32 -17.46 -20.31 -1.76
C LYS A 32 -16.30 -20.68 -0.85
N GLY A 33 -16.59 -21.50 0.17
CA GLY A 33 -15.56 -21.96 1.10
C GLY A 33 -14.86 -23.21 0.60
N CYS A 34 -13.60 -23.37 1.02
CA CYS A 34 -12.83 -24.57 0.70
C CYS A 34 -11.65 -24.63 1.66
N THR A 35 -10.95 -25.75 1.62
CA THR A 35 -9.72 -25.91 2.41
C THR A 35 -8.56 -26.07 1.47
N VAL A 36 -7.56 -25.21 1.63
CA VAL A 36 -6.29 -25.28 0.91
C VAL A 36 -5.30 -25.90 1.89
N TRP A 37 -4.97 -27.18 1.68
CA TRP A 37 -4.19 -27.97 2.64
C TRP A 37 -2.74 -28.05 2.14
N LEU A 38 -1.88 -27.27 2.76
CA LEU A 38 -0.44 -27.33 2.49
C LEU A 38 0.22 -28.44 3.29
N THR A 39 1.12 -29.19 2.62
CA THR A 39 1.91 -30.25 3.22
C THR A 39 3.31 -30.21 2.64
N GLY A 40 4.31 -30.51 3.46
CA GLY A 40 5.68 -30.48 2.99
C GLY A 40 6.64 -30.47 4.16
N LEU A 41 7.91 -30.68 3.83
CA LEU A 41 8.97 -30.69 4.83
C LEU A 41 9.08 -29.36 5.55
N SER A 42 9.65 -29.42 6.74
CA SER A 42 10.05 -28.19 7.42
C SER A 42 10.99 -27.39 6.53
N ALA A 43 10.83 -26.06 6.56
CA ALA A 43 11.53 -25.08 5.73
C ALA A 43 11.19 -25.18 4.25
N SER A 44 10.20 -26.00 3.86
CA SER A 44 9.85 -26.04 2.44
C SER A 44 9.12 -24.76 1.99
N GLY A 45 8.43 -24.07 2.90
CA GLY A 45 7.83 -22.77 2.60
C GLY A 45 6.32 -22.68 2.84
N LYS A 46 5.79 -23.60 3.64
CA LYS A 46 4.35 -23.61 3.86
C LYS A 46 3.88 -22.33 4.52
N SER A 47 4.58 -21.90 5.57
CA SER A 47 4.15 -20.71 6.29
CA SER A 47 4.18 -20.71 6.30
C SER A 47 4.37 -19.45 5.48
N THR A 48 5.51 -19.34 4.80
CA THR A 48 5.80 -18.18 3.96
C THR A 48 4.74 -18.02 2.88
N ILE A 49 4.34 -19.12 2.28
CA ILE A 49 3.33 -19.10 1.22
C ILE A 49 1.94 -18.83 1.80
N ALA A 50 1.61 -19.45 2.95
CA ALA A 50 0.26 -19.27 3.51
C ALA A 50 -0.01 -17.82 3.91
N THR A 51 0.94 -17.14 4.58
CA THR A 51 0.65 -15.78 4.98
C THR A 51 0.57 -14.86 3.77
N ALA A 52 1.38 -15.12 2.74
CA ALA A 52 1.33 -14.30 1.54
C ALA A 52 0.04 -14.54 0.75
N LEU A 53 -0.38 -15.80 0.63
CA LEU A 53 -1.64 -16.12 -0.03
C LEU A 53 -2.82 -15.50 0.71
N GLU A 54 -2.83 -15.58 2.04
CA GLU A 54 -3.93 -15.02 2.84
C GLU A 54 -4.08 -13.53 2.61
N GLN A 55 -2.95 -12.81 2.61
CA GLN A 55 -2.99 -11.38 2.30
C GLN A 55 -3.52 -11.13 0.90
N HIS A 56 -3.06 -11.92 -0.07
CA HIS A 56 -3.51 -11.71 -1.45
C HIS A 56 -5.02 -11.82 -1.56
N LEU A 57 -5.58 -12.89 -0.97
CA LEU A 57 -7.02 -13.12 -1.01
C LEU A 57 -7.79 -12.03 -0.27
N LEU A 58 -7.26 -11.57 0.86
CA LEU A 58 -7.90 -10.48 1.59
C LEU A 58 -7.92 -9.21 0.75
N HIS A 59 -6.86 -8.95 -0.06
CA HIS A 59 -6.85 -7.79 -0.97
C HIS A 59 -7.90 -7.92 -2.06
N LYS A 60 -8.27 -9.15 -2.39
CA LYS A 60 -9.38 -9.41 -3.30
C LYS A 60 -10.72 -9.41 -2.58
N LYS A 61 -10.76 -8.91 -1.35
CA LYS A 61 -11.98 -8.79 -0.55
C LYS A 61 -12.58 -10.16 -0.24
N LEU A 62 -11.73 -11.18 -0.09
CA LEU A 62 -12.17 -12.54 0.19
C LEU A 62 -11.85 -12.91 1.61
N HIS A 63 -12.79 -13.55 2.29
CA HIS A 63 -12.49 -14.12 3.60
C HIS A 63 -11.58 -15.31 3.39
N ALA A 64 -10.40 -15.24 3.99
CA ALA A 64 -9.40 -16.30 3.98
C ALA A 64 -8.79 -16.35 5.38
N TYR A 65 -8.46 -17.53 5.88
CA TYR A 65 -7.94 -17.62 7.25
C TYR A 65 -6.89 -18.71 7.34
N ARG A 66 -5.73 -18.38 7.90
CA ARG A 66 -4.65 -19.34 8.03
C ARG A 66 -4.73 -20.08 9.38
N LEU A 67 -4.63 -21.40 9.33
CA LEU A 67 -4.47 -22.27 10.51
C LEU A 67 -3.05 -22.84 10.49
N ASP A 68 -2.29 -22.59 11.56
CA ASP A 68 -0.94 -23.10 11.70
C ASP A 68 -0.63 -23.31 13.17
N GLY A 69 0.63 -23.61 13.48
CA GLY A 69 0.98 -23.94 14.84
C GLY A 69 0.74 -22.77 15.77
N ASP A 70 0.89 -21.55 15.26
CA ASP A 70 0.80 -20.38 16.13
C ASP A 70 -0.58 -20.24 16.77
N ASN A 71 -1.66 -20.52 16.03
CA ASN A 71 -3.00 -20.32 16.57
C ASN A 71 -3.73 -21.62 16.94
N ILE A 72 -3.11 -22.79 16.75
CA ILE A 72 -3.72 -24.08 17.09
C ILE A 72 -3.04 -24.77 18.28
N ARG A 73 -1.69 -24.79 18.28
CA ARG A 73 -0.93 -25.71 19.13
C ARG A 73 -1.14 -25.42 20.62
N PHE A 74 -1.10 -24.14 21.00
CA PHE A 74 -1.22 -23.73 22.40
C PHE A 74 -2.62 -23.24 22.74
N GLY A 75 -3.58 -23.43 21.85
CA GLY A 75 -4.95 -23.07 22.18
C GLY A 75 -5.83 -24.31 22.14
N LEU A 76 -6.49 -24.53 21.00
CA LEU A 76 -7.36 -25.68 20.85
C LEU A 76 -6.67 -27.01 21.22
N ASN A 77 -5.44 -27.21 20.73
CA ASN A 77 -4.79 -28.51 20.87
C ASN A 77 -3.72 -28.51 21.93
N LYS A 78 -3.82 -27.61 22.90
CA LYS A 78 -2.79 -27.50 23.92
C LYS A 78 -2.69 -28.75 24.79
N ASP A 79 -3.73 -29.59 24.80
CA ASP A 79 -3.74 -30.82 25.57
C ASP A 79 -2.93 -31.93 24.91
N LEU A 80 -2.55 -31.77 23.65
CA LEU A 80 -1.92 -32.84 22.88
C LEU A 80 -0.40 -32.84 23.02
N GLY A 81 0.16 -34.04 23.11
CA GLY A 81 1.58 -34.25 23.20
C GLY A 81 2.18 -34.59 21.85
N PHE A 82 3.23 -35.39 21.88
CA PHE A 82 3.95 -35.77 20.67
C PHE A 82 3.96 -37.27 20.44
N ASP A 83 3.24 -38.04 21.23
CA ASP A 83 3.11 -39.45 20.96
C ASP A 83 2.32 -39.64 19.67
N GLN A 84 2.33 -40.88 19.17
CA GLN A 84 1.68 -41.17 17.90
C GLN A 84 0.20 -40.82 17.95
N ALA A 85 -0.48 -41.19 19.03
CA ALA A 85 -1.92 -40.90 19.12
C ALA A 85 -2.21 -39.39 19.15
N SER A 86 -1.39 -38.62 19.87
CA SER A 86 -1.55 -37.15 19.87
C SER A 86 -1.41 -36.58 18.47
N ARG A 87 -0.39 -37.02 17.72
CA ARG A 87 -0.15 -36.48 16.39
C ARG A 87 -1.35 -36.72 15.46
N VAL A 88 -1.94 -37.91 15.54
CA VAL A 88 -3.14 -38.23 14.76
C VAL A 88 -4.29 -37.31 15.13
N GLU A 89 -4.53 -37.15 16.44
CA GLU A 89 -5.63 -36.32 16.93
C GLU A 89 -5.43 -34.85 16.57
N ASN A 90 -4.18 -34.40 16.55
CA ASN A 90 -3.88 -33.04 16.16
C ASN A 90 -4.40 -32.75 14.75
N ILE A 91 -4.04 -33.62 13.80
CA ILE A 91 -4.49 -33.45 12.42
C ILE A 91 -5.99 -33.65 12.31
N ARG A 92 -6.55 -34.61 13.05
CA ARG A 92 -8.01 -34.79 12.99
C ARG A 92 -8.73 -33.48 13.32
N ARG A 93 -8.37 -32.87 14.44
CA ARG A 93 -9.04 -31.66 14.90
C ARG A 93 -8.82 -30.49 13.93
N ILE A 94 -7.61 -30.37 13.36
CA ILE A 94 -7.34 -29.34 12.35
C ILE A 94 -8.22 -29.56 11.13
N GLY A 95 -8.43 -30.82 10.75
CA GLY A 95 -9.33 -31.12 9.65
C GLY A 95 -10.77 -30.65 9.91
N GLU A 96 -11.29 -30.92 11.12
CA GLU A 96 -12.64 -30.48 11.47
C GLU A 96 -12.72 -28.95 11.50
N VAL A 97 -11.71 -28.28 12.07
CA VAL A 97 -11.75 -26.82 12.15
C VAL A 97 -11.68 -26.22 10.76
N SER A 98 -10.84 -26.78 9.90
CA SER A 98 -10.73 -26.27 8.55
C SER A 98 -12.05 -26.43 7.80
N LEU A 99 -12.75 -27.56 8.02
CA LEU A 99 -14.08 -27.74 7.43
C LEU A 99 -15.04 -26.68 7.92
N LEU A 100 -15.06 -26.41 9.24
CA LEU A 100 -15.93 -25.35 9.75
C LEU A 100 -15.66 -24.02 9.04
N PHE A 101 -14.38 -23.64 8.90
CA PHE A 101 -14.08 -22.40 8.17
C PHE A 101 -14.60 -22.48 6.74
N ALA A 102 -14.45 -23.62 6.05
CA ALA A 102 -14.99 -23.71 4.69
C ALA A 102 -16.51 -23.56 4.68
N LEU A 103 -17.20 -24.17 5.67
CA LEU A 103 -18.66 -24.05 5.74
C LEU A 103 -19.11 -22.62 5.96
N SER A 104 -18.24 -21.78 6.53
CA SER A 104 -18.56 -20.37 6.72
C SER A 104 -18.28 -19.52 5.50
N SER A 105 -18.01 -20.13 4.34
CA SER A 105 -17.62 -19.42 3.12
C SER A 105 -16.29 -18.69 3.32
N THR A 106 -15.32 -19.39 3.90
CA THR A 106 -13.98 -18.86 4.06
C THR A 106 -13.02 -19.83 3.37
N ILE A 107 -11.99 -19.28 2.74
CA ILE A 107 -10.91 -20.08 2.19
C ILE A 107 -9.95 -20.41 3.34
N SER A 108 -9.96 -21.66 3.78
CA SER A 108 -9.13 -22.06 4.91
C SER A 108 -7.79 -22.57 4.42
N VAL A 109 -6.70 -22.01 4.94
CA VAL A 109 -5.35 -22.40 4.55
C VAL A 109 -4.66 -22.99 5.77
N THR A 110 -4.34 -24.29 5.69
CA THR A 110 -3.62 -25.00 6.73
C THR A 110 -2.18 -25.17 6.32
N ALA A 111 -1.27 -24.99 7.28
CA ALA A 111 0.17 -24.97 6.99
C ALA A 111 0.89 -25.88 7.98
N PHE A 112 0.55 -27.16 7.99
CA PHE A 112 1.21 -28.12 8.86
C PHE A 112 1.95 -29.14 8.00
N ILE A 113 3.09 -29.62 8.50
CA ILE A 113 3.89 -30.61 7.77
C ILE A 113 3.02 -31.76 7.34
N SER A 114 2.14 -32.21 8.22
CA SER A 114 1.16 -33.27 8.00
C SER A 114 1.77 -34.46 7.24
N PRO A 115 2.76 -35.13 7.81
CA PRO A 115 3.57 -36.06 7.03
C PRO A 115 2.87 -37.35 6.59
N TYR A 116 1.78 -37.75 7.23
CA TYR A 116 1.25 -39.09 6.99
C TYR A 116 0.11 -39.03 6.00
N ILE A 117 0.15 -39.92 5.00
CA ILE A 117 -0.93 -40.01 4.01
C ILE A 117 -2.27 -40.23 4.67
N SER A 118 -2.31 -41.09 5.69
CA SER A 118 -3.59 -41.44 6.31
C SER A 118 -4.23 -40.25 7.01
N ASP A 119 -3.43 -39.45 7.71
CA ASP A 119 -3.99 -38.29 8.39
C ASP A 119 -4.55 -37.30 7.37
N ARG A 120 -3.78 -36.98 6.32
CA ARG A 120 -4.30 -36.07 5.31
C ARG A 120 -5.53 -36.64 4.63
N GLN A 121 -5.59 -37.95 4.44
CA GLN A 121 -6.74 -38.57 3.79
C GLN A 121 -8.00 -38.45 4.64
N LEU A 122 -7.86 -38.56 5.95
CA LEU A 122 -9.04 -38.40 6.79
C LEU A 122 -9.53 -36.95 6.81
N ALA A 123 -8.61 -35.97 6.81
CA ALA A 123 -9.03 -34.58 6.66
C ALA A 123 -9.78 -34.38 5.37
N ARG A 124 -9.28 -34.94 4.27
CA ARG A 124 -9.93 -34.83 2.96
C ARG A 124 -11.33 -35.44 3.00
N GLU A 125 -11.50 -36.59 3.65
CA GLU A 125 -12.79 -37.28 3.61
C GLU A 125 -13.86 -36.53 4.37
N LEU A 126 -13.48 -35.83 5.45
CA LEU A 126 -14.41 -34.92 6.14
C LEU A 126 -15.01 -33.90 5.18
N HIS A 127 -14.20 -33.42 4.23
CA HIS A 127 -14.70 -32.46 3.26
C HIS A 127 -15.46 -33.14 2.14
N GLU A 128 -14.88 -34.20 1.56
CA GLU A 128 -15.48 -34.82 0.40
C GLU A 128 -16.71 -35.64 0.76
N LYS A 129 -16.82 -36.10 2.00
CA LYS A 129 -18.03 -36.83 2.41
C LYS A 129 -19.05 -35.95 3.10
N HIS A 130 -18.75 -34.66 3.29
CA HIS A 130 -19.71 -33.77 3.93
C HIS A 130 -21.01 -33.76 3.14
N SER A 131 -22.13 -33.59 3.85
CA SER A 131 -23.46 -33.70 3.27
C SER A 131 -23.53 -33.03 1.91
N SER A 132 -23.10 -31.77 1.84
CA SER A 132 -22.71 -31.14 0.60
C SER A 132 -21.19 -31.14 0.56
N ALA A 133 -20.61 -31.75 -0.48
CA ALA A 133 -19.15 -31.90 -0.58
C ALA A 133 -18.44 -30.54 -0.63
N ILE A 134 -17.34 -30.45 0.09
CA ILE A 134 -16.54 -29.22 0.21
C ILE A 134 -15.20 -29.48 -0.45
N PRO A 135 -14.73 -28.59 -1.33
CA PRO A 135 -13.45 -28.84 -2.00
C PRO A 135 -12.31 -28.92 -1.00
N PHE A 136 -11.46 -29.93 -1.19
CA PHE A 136 -10.25 -30.12 -0.39
C PHE A 136 -9.09 -30.12 -1.39
N ILE A 137 -8.26 -29.10 -1.33
CA ILE A 137 -7.23 -28.85 -2.34
C ILE A 137 -5.88 -29.09 -1.69
N GLU A 138 -5.31 -30.24 -1.94
CA GLU A 138 -4.05 -30.59 -1.32
C GLU A 138 -2.90 -30.00 -2.15
N VAL A 139 -2.03 -29.25 -1.48
CA VAL A 139 -0.95 -28.54 -2.13
C VAL A 139 0.37 -29.10 -1.60
N PHE A 140 1.10 -29.80 -2.46
CA PHE A 140 2.42 -30.32 -2.11
C PHE A 140 3.44 -29.19 -2.25
N ILE A 141 3.89 -28.66 -1.13
CA ILE A 141 4.99 -27.71 -1.10
C ILE A 141 6.26 -28.56 -1.06
N ASP A 142 6.89 -28.71 -2.23
CA ASP A 142 7.92 -29.73 -2.49
C ASP A 142 9.25 -29.00 -2.66
N ALA A 143 10.14 -29.19 -1.69
CA ALA A 143 11.52 -28.73 -1.81
C ALA A 143 12.47 -29.86 -1.45
N PRO A 144 13.58 -30.02 -2.16
CA PRO A 144 14.52 -31.12 -1.86
C PRO A 144 15.08 -31.00 -0.45
N LEU A 145 15.52 -32.14 0.09
CA LEU A 145 16.12 -32.17 1.43
C LEU A 145 17.36 -31.30 1.46
N SER A 146 18.13 -31.32 0.37
CA SER A 146 19.30 -30.45 0.27
C SER A 146 18.92 -28.98 0.35
N VAL A 147 17.78 -28.61 -0.23
CA VAL A 147 17.36 -27.21 -0.20
C VAL A 147 16.87 -26.82 1.20
N VAL A 148 16.06 -27.67 1.84
CA VAL A 148 15.54 -27.26 3.15
C VAL A 148 16.64 -27.32 4.21
N GLU A 149 17.62 -28.23 4.07
CA GLU A 149 18.74 -28.19 4.98
C GLU A 149 19.62 -26.98 4.76
N GLN A 150 19.74 -26.49 3.51
CA GLN A 150 20.51 -25.26 3.30
C GLN A 150 19.77 -24.04 3.83
N ARG A 151 18.43 -24.05 3.73
CA ARG A 151 17.61 -22.97 4.27
C ARG A 151 17.63 -22.98 5.78
N ASP A 152 17.08 -24.05 6.38
CA ASP A 152 17.06 -24.31 7.81
C ASP A 152 16.90 -23.04 8.65
N PRO A 153 15.83 -22.26 8.45
CA PRO A 153 15.77 -20.94 9.07
C PRO A 153 15.68 -20.95 10.59
N LYS A 154 15.44 -22.11 11.22
CA LYS A 154 15.34 -22.22 12.68
C LYS A 154 16.39 -23.17 13.25
N GLY A 155 17.34 -23.63 12.44
CA GLY A 155 18.32 -24.56 12.93
C GLY A 155 17.79 -25.96 13.20
N LEU A 156 16.57 -26.27 12.74
CA LEU A 156 15.95 -27.54 13.10
C LEU A 156 16.68 -28.72 12.47
N TYR A 157 17.12 -28.57 11.22
CA TYR A 157 17.84 -29.65 10.55
C TYR A 157 19.22 -29.88 11.15
N LYS A 158 19.90 -28.80 11.57
CA LYS A 158 21.24 -28.98 12.16
C LYS A 158 21.18 -29.87 13.39
N LYS A 159 20.16 -29.70 14.22
CA LYS A 159 19.92 -30.59 15.35
C LYS A 159 19.47 -31.93 14.80
N ALA A 160 20.36 -32.91 14.84
CA ALA A 160 20.13 -34.18 14.15
C ALA A 160 21.23 -35.19 14.49
N GLU A 164 20.16 -34.08 18.52
CA GLU A 164 19.63 -33.41 19.71
C GLU A 164 18.11 -33.21 19.62
N ILE A 165 17.56 -33.42 18.43
CA ILE A 165 16.11 -33.44 18.23
C ILE A 165 15.75 -34.77 17.58
N LYS A 166 14.74 -35.45 18.11
CA LYS A 166 14.41 -36.81 17.73
C LYS A 166 13.17 -36.85 16.85
N ASP A 167 13.05 -37.94 16.07
CA ASP A 167 11.88 -38.23 15.25
C ASP A 167 11.50 -37.03 14.39
N PHE A 168 12.49 -36.47 13.72
CA PHE A 168 12.29 -35.27 12.92
C PHE A 168 11.95 -35.63 11.49
N THR A 169 10.83 -35.10 11.01
CA THR A 169 10.32 -35.41 9.67
C THR A 169 11.39 -35.20 8.60
N GLY A 170 11.65 -36.24 7.81
CA GLY A 170 12.61 -36.12 6.74
C GLY A 170 14.03 -36.47 7.12
N ILE A 171 14.34 -36.52 8.40
CA ILE A 171 15.69 -36.83 8.90
C ILE A 171 15.66 -38.12 9.72
N SER A 172 14.85 -38.13 10.78
CA SER A 172 14.73 -39.29 11.66
C SER A 172 13.30 -39.78 11.77
N ALA A 173 12.38 -39.24 10.98
CA ALA A 173 10.99 -39.68 10.86
C ALA A 173 10.56 -39.55 9.41
N PRO A 174 9.56 -40.32 8.97
CA PRO A 174 9.20 -40.33 7.54
C PRO A 174 8.30 -39.16 7.13
N TYR A 175 8.51 -38.70 5.90
CA TYR A 175 7.55 -37.85 5.23
C TYR A 175 6.94 -38.65 4.08
N GLU A 176 5.60 -38.70 4.05
CA GLU A 176 4.87 -39.48 3.05
C GLU A 176 4.34 -38.52 2.00
N ALA A 177 5.05 -38.44 0.87
CA ALA A 177 4.71 -37.44 -0.13
C ALA A 177 3.37 -37.80 -0.79
N PRO A 178 2.54 -36.80 -1.10
CA PRO A 178 1.30 -37.08 -1.82
C PRO A 178 1.60 -37.60 -3.20
N ALA A 179 0.78 -38.54 -3.65
CA ALA A 179 1.11 -39.18 -4.91
C ALA A 179 0.78 -38.29 -6.10
N ASN A 180 -0.35 -37.56 -6.03
CA ASN A 180 -0.84 -36.77 -7.17
C ASN A 180 -1.78 -35.70 -6.64
N PRO A 181 -1.28 -34.69 -5.94
CA PRO A 181 -2.15 -33.72 -5.28
C PRO A 181 -2.81 -32.80 -6.29
N GLU A 182 -3.79 -32.03 -5.81
CA GLU A 182 -4.41 -31.03 -6.67
C GLU A 182 -3.40 -30.01 -7.15
N ILE A 183 -2.50 -29.56 -6.29
CA ILE A 183 -1.46 -28.62 -6.72
C ILE A 183 -0.10 -29.14 -6.23
N HIS A 184 0.91 -29.06 -7.10
CA HIS A 184 2.28 -29.47 -6.74
C HIS A 184 3.20 -28.30 -7.07
N ILE A 185 3.85 -27.72 -6.05
CA ILE A 185 4.68 -26.54 -6.23
C ILE A 185 6.10 -26.85 -5.73
N ARG A 186 7.09 -26.70 -6.62
CA ARG A 186 8.51 -26.90 -6.29
C ARG A 186 9.07 -25.55 -5.88
N THR A 187 9.24 -25.31 -4.57
CA THR A 187 9.62 -23.97 -4.14
C THR A 187 11.08 -23.63 -4.38
N ASP A 188 11.88 -24.56 -4.90
CA ASP A 188 13.21 -24.20 -5.39
C ASP A 188 13.19 -23.68 -6.83
N GLU A 189 12.07 -23.76 -7.53
CA GLU A 189 12.01 -23.19 -8.86
C GLU A 189 10.99 -22.07 -9.01
N VAL A 190 10.12 -21.86 -8.02
CA VAL A 190 9.10 -20.81 -8.08
C VAL A 190 9.27 -19.95 -6.83
N ASP A 191 9.16 -18.63 -6.98
CA ASP A 191 9.30 -17.77 -5.81
C ASP A 191 7.97 -17.71 -5.05
N VAL A 192 7.93 -16.90 -3.98
CA VAL A 192 6.73 -16.86 -3.15
C VAL A 192 5.53 -16.30 -3.92
N ALA A 193 5.74 -15.19 -4.63
CA ALA A 193 4.64 -14.61 -5.40
C ALA A 193 4.16 -15.59 -6.46
N GLY A 194 5.08 -16.32 -7.10
CA GLY A 194 4.65 -17.30 -8.08
C GLY A 194 3.86 -18.43 -7.45
N ALA A 195 4.20 -18.84 -6.22
CA ALA A 195 3.41 -19.89 -5.56
C ALA A 195 2.00 -19.40 -5.26
N VAL A 196 1.88 -18.15 -4.77
CA VAL A 196 0.58 -17.52 -4.55
C VAL A 196 -0.19 -17.40 -5.86
N GLU A 197 0.50 -17.05 -6.95
CA GLU A 197 -0.18 -16.96 -8.24
C GLU A 197 -0.75 -18.31 -8.65
N ILE A 198 0.03 -19.37 -8.48
CA ILE A 198 -0.39 -20.73 -8.87
C ILE A 198 -1.64 -21.14 -8.11
N ILE A 199 -1.61 -20.98 -6.78
CA ILE A 199 -2.75 -21.39 -5.97
C ILE A 199 -3.99 -20.58 -6.31
N THR A 200 -3.84 -19.26 -6.44
CA THR A 200 -4.99 -18.40 -6.71
C THR A 200 -5.61 -18.70 -8.06
N LYS A 201 -4.76 -18.96 -9.07
CA LYS A 201 -5.27 -19.29 -10.40
C LYS A 201 -6.08 -20.57 -10.37
N TYR A 202 -5.61 -21.56 -9.58
CA TYR A 202 -6.36 -22.81 -9.42
C TYR A 202 -7.73 -22.55 -8.81
N LEU A 203 -7.79 -21.70 -7.79
CA LEU A 203 -9.05 -21.36 -7.16
C LEU A 203 -9.99 -20.68 -8.15
N ALA A 204 -9.46 -19.73 -8.92
CA ALA A 204 -10.27 -19.01 -9.89
C ALA A 204 -10.78 -19.93 -10.99
N ASP A 205 -9.90 -20.76 -11.54
CA ASP A 205 -10.29 -21.65 -12.63
C ASP A 205 -11.30 -22.70 -12.21
N ASN A 206 -11.44 -22.96 -10.90
CA ASN A 206 -12.39 -23.96 -10.39
C ASN A 206 -13.59 -23.33 -9.69
N GLY A 207 -13.88 -22.06 -9.97
CA GLY A 207 -15.06 -21.40 -9.45
C GLY A 207 -15.08 -21.05 -7.98
N LEU A 208 -13.96 -21.19 -7.27
CA LEU A 208 -13.96 -20.99 -5.83
C LEU A 208 -13.79 -19.55 -5.38
N ILE A 209 -13.28 -18.67 -6.24
CA ILE A 209 -13.19 -17.23 -6.00
C ILE A 209 -13.69 -16.48 -7.23
N PRO A 210 -14.19 -15.25 -7.09
CA PRO A 210 -14.67 -14.52 -8.27
C PRO A 210 -13.53 -14.21 -9.22
N ALA A 211 -13.89 -13.72 -10.40
CA ALA A 211 -12.91 -13.37 -11.42
C ALA A 211 -11.97 -12.27 -10.93
N ALA B 10 0.46 -11.41 -16.86
CA ALA B 10 0.25 -10.29 -15.96
C ALA B 10 -0.39 -10.77 -14.67
N THR B 11 0.20 -10.38 -13.55
CA THR B 11 -0.32 -10.73 -12.24
C THR B 11 -0.72 -9.45 -11.53
N ASN B 12 -1.39 -9.62 -10.39
CA ASN B 12 -1.66 -8.47 -9.52
C ASN B 12 -1.63 -8.99 -8.08
N ILE B 13 -0.42 -9.13 -7.53
CA ILE B 13 -0.24 -9.70 -6.19
C ILE B 13 0.62 -8.75 -5.37
N THR B 14 0.19 -8.47 -4.14
CA THR B 14 0.98 -7.72 -3.17
C THR B 14 0.74 -8.28 -1.79
N PHE B 15 1.79 -8.24 -0.98
CA PHE B 15 1.73 -8.68 0.41
C PHE B 15 3.02 -8.26 1.10
N HIS B 16 2.93 -8.05 2.41
CA HIS B 16 4.11 -7.77 3.19
C HIS B 16 4.60 -9.05 3.88
N PRO B 17 5.87 -9.09 4.30
CA PRO B 17 6.37 -10.28 4.99
C PRO B 17 5.60 -10.51 6.27
N GLY B 18 5.54 -11.77 6.69
CA GLY B 18 4.82 -12.09 7.90
C GLY B 18 3.31 -12.15 7.67
N ALA B 19 2.58 -12.32 8.77
CA ALA B 19 1.14 -12.47 8.71
C ALA B 19 0.45 -11.12 8.63
N VAL B 20 -0.75 -11.12 8.05
CA VAL B 20 -1.59 -9.92 8.09
C VAL B 20 -1.85 -9.55 9.55
N THR B 21 -1.82 -8.26 9.85
CA THR B 21 -2.15 -7.88 11.21
C THR B 21 -3.67 -7.86 11.37
N GLN B 22 -4.14 -7.78 12.61
CA GLN B 22 -5.58 -7.84 12.84
C GLN B 22 -6.29 -6.63 12.25
N ASP B 23 -5.70 -5.44 12.44
CA ASP B 23 -6.29 -4.23 11.92
C ASP B 23 -6.32 -4.24 10.39
N GLU B 24 -5.26 -4.75 9.76
CA GLU B 24 -5.24 -4.88 8.31
C GLU B 24 -6.39 -5.75 7.83
N ARG B 25 -6.57 -6.91 8.46
CA ARG B 25 -7.61 -7.85 8.02
C ARG B 25 -8.99 -7.25 8.17
N ASP B 26 -9.28 -6.68 9.36
CA ASP B 26 -10.57 -6.05 9.63
C ASP B 26 -10.86 -4.95 8.62
N THR B 27 -9.85 -4.12 8.32
CA THR B 27 -10.03 -3.02 7.37
C THR B 27 -10.28 -3.53 5.96
N LEU B 28 -9.50 -4.52 5.53
CA LEU B 28 -9.70 -5.04 4.17
C LEU B 28 -11.07 -5.67 4.01
N LEU B 29 -11.59 -6.30 5.06
CA LEU B 29 -12.86 -7.00 5.00
C LEU B 29 -14.03 -6.15 5.45
N GLY B 30 -13.77 -4.91 5.91
CA GLY B 30 -14.84 -4.01 6.31
C GLY B 30 -15.66 -4.52 7.49
N GLN B 31 -15.04 -5.29 8.37
CA GLN B 31 -15.77 -5.93 9.45
C GLN B 31 -14.82 -6.30 10.56
N LYS B 32 -15.27 -6.17 11.81
CA LYS B 32 -14.52 -6.61 12.98
C LYS B 32 -15.10 -7.92 13.51
N GLY B 33 -14.23 -8.83 13.94
CA GLY B 33 -14.66 -10.10 14.47
C GLY B 33 -14.97 -10.01 15.96
N CYS B 34 -15.86 -10.91 16.40
CA CYS B 34 -16.25 -10.97 17.80
C CYS B 34 -16.94 -12.30 18.04
N THR B 35 -17.18 -12.58 19.32
CA THR B 35 -17.95 -13.76 19.70
C THR B 35 -19.21 -13.29 20.41
N VAL B 36 -20.34 -13.74 19.91
CA VAL B 36 -21.63 -13.53 20.55
C VAL B 36 -21.95 -14.87 21.23
N TRP B 37 -21.81 -14.92 22.56
CA TRP B 37 -21.93 -16.16 23.31
C TRP B 37 -23.32 -16.22 23.92
N LEU B 38 -24.19 -17.05 23.35
CA LEU B 38 -25.53 -17.25 23.91
C LEU B 38 -25.48 -18.27 25.04
N THR B 39 -26.18 -17.97 26.13
CA THR B 39 -26.27 -18.94 27.21
C THR B 39 -27.70 -18.94 27.76
N GLY B 40 -28.20 -20.11 28.12
CA GLY B 40 -29.56 -20.18 28.61
C GLY B 40 -30.01 -21.60 28.66
N LEU B 41 -31.18 -21.78 29.31
CA LEU B 41 -31.77 -23.08 29.53
C LEU B 41 -32.07 -23.76 28.20
N SER B 42 -32.16 -25.09 28.25
CA SER B 42 -32.69 -25.80 27.10
C SER B 42 -34.06 -25.23 26.76
N ALA B 43 -34.33 -25.10 25.45
CA ALA B 43 -35.55 -24.54 24.90
C ALA B 43 -35.75 -23.06 25.18
N SER B 44 -34.72 -22.34 25.67
CA SER B 44 -34.90 -20.89 25.90
C SER B 44 -34.95 -20.07 24.61
N GLY B 45 -34.35 -20.56 23.52
CA GLY B 45 -34.42 -19.95 22.20
C GLY B 45 -33.06 -19.63 21.59
N LYS B 46 -31.97 -20.23 22.11
CA LYS B 46 -30.64 -19.92 21.60
C LYS B 46 -30.51 -20.28 20.12
N SER B 47 -30.83 -21.53 19.77
CA SER B 47 -30.65 -21.98 18.40
C SER B 47 -31.58 -21.26 17.45
N THR B 48 -32.82 -20.98 17.89
CA THR B 48 -33.78 -20.26 17.07
C THR B 48 -33.29 -18.84 16.80
N ILE B 49 -32.75 -18.18 17.83
CA ILE B 49 -32.22 -16.82 17.64
C ILE B 49 -30.91 -16.86 16.85
N ALA B 50 -30.07 -17.87 17.10
CA ALA B 50 -28.76 -17.91 16.42
C ALA B 50 -28.92 -18.05 14.91
N THR B 51 -29.82 -18.94 14.46
CA THR B 51 -30.00 -19.14 13.03
C THR B 51 -30.68 -17.93 12.38
N ALA B 52 -31.55 -17.24 13.10
CA ALA B 52 -32.16 -16.04 12.52
C ALA B 52 -31.15 -14.92 12.46
N LEU B 53 -30.37 -14.75 13.53
CA LEU B 53 -29.36 -13.72 13.56
C LEU B 53 -28.32 -13.92 12.47
N GLU B 54 -27.85 -15.16 12.31
CA GLU B 54 -26.84 -15.44 11.28
C GLU B 54 -27.37 -15.05 9.89
N GLN B 55 -28.60 -15.44 9.60
CA GLN B 55 -29.23 -15.07 8.34
C GLN B 55 -29.32 -13.56 8.17
N HIS B 56 -29.72 -12.85 9.23
CA HIS B 56 -29.83 -11.39 9.18
C HIS B 56 -28.49 -10.74 8.86
N LEU B 57 -27.44 -11.15 9.57
CA LEU B 57 -26.13 -10.59 9.32
C LEU B 57 -25.63 -10.94 7.92
N LEU B 58 -25.90 -12.16 7.44
CA LEU B 58 -25.48 -12.49 6.08
C LEU B 58 -26.18 -11.60 5.07
N HIS B 59 -27.44 -11.24 5.34
CA HIS B 59 -28.15 -10.34 4.46
C HIS B 59 -27.49 -8.97 4.42
N LYS B 60 -26.78 -8.61 5.49
CA LYS B 60 -25.99 -7.38 5.51
C LYS B 60 -24.60 -7.57 4.90
N LYS B 61 -24.35 -8.68 4.20
CA LYS B 61 -23.07 -8.97 3.56
C LYS B 61 -21.96 -9.12 4.59
N LEU B 62 -22.30 -9.59 5.80
CA LEU B 62 -21.32 -9.77 6.87
C LEU B 62 -21.10 -11.26 7.09
N HIS B 63 -19.84 -11.65 7.27
CA HIS B 63 -19.53 -13.02 7.65
C HIS B 63 -19.96 -13.24 9.08
N ALA B 64 -20.83 -14.21 9.28
CA ALA B 64 -21.32 -14.66 10.57
C ALA B 64 -21.41 -16.18 10.52
N TYR B 65 -21.10 -16.83 11.64
CA TYR B 65 -21.11 -18.30 11.62
C TYR B 65 -21.59 -18.82 12.96
N ARG B 66 -22.53 -19.74 12.91
CA ARG B 66 -23.11 -20.32 14.11
C ARG B 66 -22.31 -21.57 14.52
N LEU B 67 -21.93 -21.64 15.79
CA LEU B 67 -21.38 -22.83 16.40
C LEU B 67 -22.40 -23.40 17.37
N ASP B 68 -22.81 -24.64 17.15
CA ASP B 68 -23.74 -25.32 18.05
C ASP B 68 -23.52 -26.82 17.96
N GLY B 69 -24.44 -27.58 18.56
CA GLY B 69 -24.27 -29.01 18.63
C GLY B 69 -24.22 -29.67 17.27
N ASP B 70 -24.96 -29.09 16.29
CA ASP B 70 -25.07 -29.71 14.97
C ASP B 70 -23.72 -29.79 14.25
N ASN B 71 -22.87 -28.78 14.38
CA ASN B 71 -21.61 -28.83 13.66
C ASN B 71 -20.39 -29.06 14.56
N ILE B 72 -20.56 -29.17 15.89
CA ILE B 72 -19.45 -29.38 16.83
C ILE B 72 -19.49 -30.77 17.44
N ARG B 73 -20.68 -31.22 17.88
CA ARG B 73 -20.76 -32.36 18.80
C ARG B 73 -20.24 -33.64 18.16
N PHE B 74 -20.63 -33.91 16.91
CA PHE B 74 -20.23 -35.15 16.25
C PHE B 74 -19.05 -34.96 15.30
N GLY B 75 -18.37 -33.82 15.37
CA GLY B 75 -17.18 -33.59 14.56
C GLY B 75 -15.95 -33.35 15.41
N LEU B 76 -15.60 -32.08 15.62
CA LEU B 76 -14.42 -31.78 16.44
C LEU B 76 -14.49 -32.47 17.80
N ASN B 77 -15.65 -32.43 18.46
CA ASN B 77 -15.78 -32.89 19.83
C ASN B 77 -16.42 -34.27 19.92
N LYS B 78 -16.35 -35.07 18.87
CA LYS B 78 -16.98 -36.39 18.91
C LYS B 78 -16.30 -37.32 19.92
N ASP B 79 -15.07 -37.00 20.34
CA ASP B 79 -14.38 -37.83 21.32
C ASP B 79 -14.90 -37.62 22.73
N LEU B 80 -15.68 -36.58 22.97
CA LEU B 80 -16.06 -36.22 24.32
C LEU B 80 -17.35 -36.90 24.72
N GLY B 81 -17.41 -37.35 25.97
CA GLY B 81 -18.60 -37.94 26.56
C GLY B 81 -19.41 -36.93 27.35
N PHE B 82 -20.09 -37.41 28.37
CA PHE B 82 -20.98 -36.56 29.15
C PHE B 82 -20.55 -36.43 30.61
N ASP B 83 -19.40 -36.94 30.99
CA ASP B 83 -18.87 -36.73 32.33
C ASP B 83 -18.49 -35.25 32.51
N GLN B 84 -18.28 -34.87 33.76
CA GLN B 84 -18.03 -33.44 34.00
C GLN B 84 -16.76 -32.99 33.31
N ALA B 85 -15.71 -33.82 33.28
CA ALA B 85 -14.47 -33.45 32.61
C ALA B 85 -14.70 -33.25 31.10
N SER B 86 -15.45 -34.16 30.47
CA SER B 86 -15.79 -33.99 29.05
C SER B 86 -16.55 -32.69 28.85
N ARG B 87 -17.50 -32.41 29.74
CA ARG B 87 -18.30 -31.20 29.61
C ARG B 87 -17.44 -29.94 29.68
N VAL B 88 -16.48 -29.91 30.61
CA VAL B 88 -15.59 -28.74 30.70
C VAL B 88 -14.78 -28.61 29.42
N GLU B 89 -14.24 -29.72 28.94
CA GLU B 89 -13.43 -29.70 27.72
C GLU B 89 -14.27 -29.32 26.50
N ASN B 90 -15.54 -29.71 26.48
CA ASN B 90 -16.41 -29.31 25.38
C ASN B 90 -16.47 -27.78 25.26
N ILE B 91 -16.77 -27.09 26.37
CA ILE B 91 -16.85 -25.63 26.32
C ILE B 91 -15.48 -25.02 26.05
N ARG B 92 -14.42 -25.59 26.63
CA ARG B 92 -13.08 -25.05 26.41
C ARG B 92 -12.77 -24.96 24.93
N ARG B 93 -12.97 -26.05 24.20
CA ARG B 93 -12.66 -26.10 22.78
C ARG B 93 -13.52 -25.14 21.99
N ILE B 94 -14.81 -25.04 22.37
CA ILE B 94 -15.73 -24.12 21.71
C ILE B 94 -15.27 -22.69 21.91
N GLY B 95 -14.77 -22.38 23.11
CA GLY B 95 -14.19 -21.04 23.33
C GLY B 95 -13.01 -20.77 22.39
N GLU B 96 -12.14 -21.76 22.20
CA GLU B 96 -11.02 -21.57 21.30
C GLU B 96 -11.47 -21.39 19.84
N VAL B 97 -12.40 -22.22 19.38
CA VAL B 97 -12.84 -22.17 17.98
C VAL B 97 -13.57 -20.85 17.70
N SER B 98 -14.40 -20.40 18.64
CA SER B 98 -15.08 -19.13 18.45
C SER B 98 -14.06 -17.98 18.36
N LEU B 99 -12.99 -18.04 19.16
CA LEU B 99 -11.91 -17.06 19.03
C LEU B 99 -11.30 -17.08 17.63
N LEU B 100 -10.99 -18.28 17.11
CA LEU B 100 -10.41 -18.36 15.77
C LEU B 100 -11.33 -17.67 14.76
N PHE B 101 -12.65 -17.93 14.84
CA PHE B 101 -13.58 -17.26 13.93
C PHE B 101 -13.57 -15.74 14.12
N ALA B 102 -13.57 -15.26 15.36
CA ALA B 102 -13.48 -13.83 15.57
C ALA B 102 -12.17 -13.26 15.00
N LEU B 103 -11.06 -13.97 15.19
CA LEU B 103 -9.80 -13.53 14.60
C LEU B 103 -9.87 -13.46 13.08
N SER B 104 -10.76 -14.24 12.47
CA SER B 104 -10.92 -14.18 11.01
C SER B 104 -11.87 -13.06 10.54
N SER B 105 -12.21 -12.12 11.41
CA SER B 105 -13.16 -11.04 11.08
C SER B 105 -14.54 -11.59 10.77
N THR B 106 -14.99 -12.57 11.57
CA THR B 106 -16.31 -13.17 11.46
C THR B 106 -17.06 -12.97 12.77
N ILE B 107 -18.37 -12.72 12.68
CA ILE B 107 -19.19 -12.70 13.89
C ILE B 107 -19.54 -14.14 14.25
N SER B 108 -18.89 -14.64 15.30
CA SER B 108 -19.05 -16.02 15.73
C SER B 108 -20.18 -16.08 16.76
N VAL B 109 -21.18 -16.90 16.50
CA VAL B 109 -22.34 -16.99 17.39
C VAL B 109 -22.40 -18.41 17.95
N THR B 110 -22.24 -18.53 19.26
CA THR B 110 -22.29 -19.83 19.92
C THR B 110 -23.61 -20.01 20.62
N ALA B 111 -24.16 -21.21 20.54
CA ALA B 111 -25.50 -21.50 21.07
C ALA B 111 -25.46 -22.74 21.96
N PHE B 112 -24.65 -22.73 23.02
CA PHE B 112 -24.59 -23.87 23.93
C PHE B 112 -25.18 -23.49 25.27
N ILE B 113 -25.81 -24.45 25.94
CA ILE B 113 -26.37 -24.13 27.26
C ILE B 113 -25.31 -23.47 28.13
N SER B 114 -24.08 -23.99 28.08
CA SER B 114 -22.92 -23.49 28.83
C SER B 114 -23.33 -23.09 30.26
N PRO B 115 -23.79 -24.05 31.06
CA PRO B 115 -24.44 -23.69 32.32
C PRO B 115 -23.52 -23.15 33.39
N TYR B 116 -22.21 -23.40 33.36
CA TYR B 116 -21.34 -23.03 34.47
C TYR B 116 -20.65 -21.69 34.22
N ILE B 117 -20.68 -20.81 35.24
CA ILE B 117 -20.02 -19.50 35.14
C ILE B 117 -18.54 -19.64 34.82
N SER B 118 -17.85 -20.59 35.46
CA SER B 118 -16.39 -20.68 35.26
C SER B 118 -16.03 -21.01 33.82
N ASP B 119 -16.81 -21.88 33.17
CA ASP B 119 -16.57 -22.24 31.77
C ASP B 119 -16.78 -21.04 30.85
N ARG B 120 -17.88 -20.31 31.04
CA ARG B 120 -18.09 -19.13 30.21
C ARG B 120 -16.99 -18.10 30.47
N GLN B 121 -16.54 -17.99 31.73
CA GLN B 121 -15.48 -17.04 32.05
C GLN B 121 -14.16 -17.42 31.39
N LEU B 122 -13.88 -18.72 31.32
CA LEU B 122 -12.65 -19.12 30.66
C LEU B 122 -12.69 -18.79 29.18
N ALA B 123 -13.84 -19.05 28.53
CA ALA B 123 -14.00 -18.65 27.14
C ALA B 123 -13.84 -17.15 27.00
N ARG B 124 -14.41 -16.37 27.93
CA ARG B 124 -14.32 -14.91 27.84
C ARG B 124 -12.89 -14.42 27.90
N GLU B 125 -12.08 -15.01 28.80
CA GLU B 125 -10.72 -14.56 29.01
C GLU B 125 -9.82 -14.91 27.82
N LEU B 126 -10.14 -15.99 27.11
CA LEU B 126 -9.46 -16.26 25.86
C LEU B 126 -9.55 -15.06 24.92
N HIS B 127 -10.71 -14.39 24.91
CA HIS B 127 -10.90 -13.24 24.04
C HIS B 127 -10.30 -11.97 24.63
N GLU B 128 -10.62 -11.68 25.90
CA GLU B 128 -10.28 -10.40 26.47
C GLU B 128 -8.80 -10.28 26.79
N LYS B 129 -8.12 -11.42 27.03
CA LYS B 129 -6.68 -11.44 27.29
C LYS B 129 -5.86 -11.74 26.05
N HIS B 130 -6.50 -11.92 24.90
CA HIS B 130 -5.80 -12.15 23.64
C HIS B 130 -4.92 -10.94 23.33
N SER B 131 -3.76 -11.21 22.68
CA SER B 131 -2.75 -10.19 22.42
C SER B 131 -3.38 -8.90 21.92
N SER B 132 -4.22 -9.00 20.90
CA SER B 132 -5.17 -7.96 20.55
C SER B 132 -6.53 -8.42 21.08
N ALA B 133 -7.12 -7.64 21.99
CA ALA B 133 -8.36 -8.02 22.66
C ALA B 133 -9.52 -8.17 21.69
N ILE B 134 -10.30 -9.23 21.87
CA ILE B 134 -11.43 -9.55 21.00
C ILE B 134 -12.71 -9.41 21.82
N PRO B 135 -13.71 -8.67 21.33
CA PRO B 135 -14.94 -8.50 22.11
C PRO B 135 -15.65 -9.82 22.34
N PHE B 136 -16.10 -10.04 23.57
CA PHE B 136 -16.84 -11.23 23.95
C PHE B 136 -18.19 -10.76 24.47
N ILE B 137 -19.24 -11.06 23.73
CA ILE B 137 -20.55 -10.48 23.98
C ILE B 137 -21.42 -11.61 24.53
N GLU B 138 -21.61 -11.63 25.84
CA GLU B 138 -22.37 -12.69 26.49
C GLU B 138 -23.84 -12.27 26.52
N VAL B 139 -24.70 -13.13 25.96
CA VAL B 139 -26.12 -12.84 25.79
C VAL B 139 -26.89 -13.87 26.61
N PHE B 140 -27.52 -13.42 27.70
CA PHE B 140 -28.37 -14.29 28.50
C PHE B 140 -29.70 -14.44 27.78
N ILE B 141 -29.93 -15.60 27.19
CA ILE B 141 -31.23 -15.95 26.63
C ILE B 141 -32.05 -16.50 27.78
N ASP B 142 -32.91 -15.65 28.35
CA ASP B 142 -33.51 -15.88 29.68
C ASP B 142 -35.00 -16.20 29.51
N ALA B 143 -35.35 -17.45 29.76
CA ALA B 143 -36.77 -17.82 29.82
C ALA B 143 -37.05 -18.60 31.09
N PRO B 144 -38.21 -18.36 31.72
CA PRO B 144 -38.56 -19.07 32.95
C PRO B 144 -38.67 -20.57 32.74
N LEU B 145 -38.44 -21.31 33.83
CA LEU B 145 -38.55 -22.77 33.78
C LEU B 145 -39.93 -23.16 33.29
N SER B 146 -40.95 -22.39 33.71
CA SER B 146 -42.32 -22.66 33.26
C SER B 146 -42.46 -22.55 31.74
N VAL B 147 -41.82 -21.56 31.13
CA VAL B 147 -41.97 -21.39 29.70
C VAL B 147 -41.24 -22.49 28.93
N VAL B 148 -40.01 -22.81 29.33
CA VAL B 148 -39.26 -23.81 28.55
C VAL B 148 -39.84 -25.21 28.73
N GLU B 149 -40.47 -25.49 29.87
CA GLU B 149 -41.19 -26.75 30.03
C GLU B 149 -42.44 -26.76 29.15
N GLN B 150 -43.06 -25.61 28.93
CA GLN B 150 -44.16 -25.56 27.99
C GLN B 150 -43.66 -25.75 26.56
N ARG B 151 -42.50 -25.20 26.24
CA ARG B 151 -41.98 -25.37 24.90
C ARG B 151 -41.53 -26.81 24.65
N ASP B 152 -40.50 -27.25 25.37
CA ASP B 152 -39.95 -28.60 25.34
C ASP B 152 -40.02 -29.21 23.95
N PRO B 153 -39.43 -28.58 22.92
CA PRO B 153 -39.67 -29.04 21.54
C PRO B 153 -39.09 -30.40 21.25
N LYS B 154 -38.27 -30.96 22.14
CA LYS B 154 -37.70 -32.28 21.94
C LYS B 154 -38.09 -33.23 23.05
N GLY B 155 -38.98 -32.82 23.96
CA GLY B 155 -39.38 -33.69 25.05
C GLY B 155 -38.33 -33.89 26.12
N LEU B 156 -37.30 -33.05 26.15
CA LEU B 156 -36.19 -33.27 27.07
C LEU B 156 -36.60 -33.02 28.52
N TYR B 157 -37.43 -32.01 28.77
CA TYR B 157 -37.89 -31.73 30.13
C TYR B 157 -38.84 -32.80 30.64
N LYS B 158 -39.69 -33.33 29.74
CA LYS B 158 -40.62 -34.40 30.09
C LYS B 158 -39.88 -35.64 30.56
N LYS B 159 -38.74 -35.95 29.95
CA LYS B 159 -37.93 -37.06 30.40
C LYS B 159 -37.40 -36.74 31.80
N ALA B 160 -38.08 -37.28 32.81
CA ALA B 160 -37.80 -37.04 34.21
C ALA B 160 -38.86 -37.74 35.08
N GLU B 164 -35.37 -40.13 33.57
CA GLU B 164 -35.11 -40.73 32.25
C GLU B 164 -33.83 -40.19 31.62
N ILE B 165 -33.64 -38.88 31.71
CA ILE B 165 -32.39 -38.22 31.37
C ILE B 165 -31.78 -37.70 32.66
N LYS B 166 -30.48 -37.91 32.83
CA LYS B 166 -29.83 -37.59 34.09
C LYS B 166 -29.03 -36.29 33.97
N ASP B 167 -28.82 -35.66 35.12
CA ASP B 167 -27.99 -34.46 35.26
C ASP B 167 -28.38 -33.38 34.25
N PHE B 168 -29.68 -33.16 34.13
CA PHE B 168 -30.23 -32.24 33.13
C PHE B 168 -30.32 -30.83 33.69
N THR B 169 -29.70 -29.89 33.00
CA THR B 169 -29.63 -28.49 33.42
C THR B 169 -31.02 -27.91 33.66
N GLY B 170 -31.22 -27.35 34.85
CA GLY B 170 -32.47 -26.72 35.23
C GLY B 170 -33.45 -27.63 35.93
N ILE B 171 -33.26 -28.94 35.86
CA ILE B 171 -34.13 -29.94 36.49
C ILE B 171 -33.34 -30.74 37.52
N SER B 172 -32.28 -31.39 37.08
CA SER B 172 -31.48 -32.23 37.98
C SER B 172 -30.01 -31.82 38.00
N ALA B 173 -29.65 -30.72 37.37
CA ALA B 173 -28.30 -30.15 37.41
C ALA B 173 -28.43 -28.64 37.39
N PRO B 174 -27.43 -27.90 37.84
CA PRO B 174 -27.58 -26.45 37.93
C PRO B 174 -27.36 -25.69 36.63
N TYR B 175 -28.08 -24.58 36.50
CA TYR B 175 -27.77 -23.54 35.53
C TYR B 175 -27.30 -22.34 36.34
N GLU B 176 -26.12 -21.84 36.03
CA GLU B 176 -25.55 -20.72 36.76
C GLU B 176 -25.76 -19.48 35.90
N ALA B 177 -26.76 -18.68 36.24
CA ALA B 177 -27.16 -17.56 35.39
C ALA B 177 -26.11 -16.45 35.43
N PRO B 178 -25.91 -15.76 34.30
CA PRO B 178 -24.98 -14.63 34.27
C PRO B 178 -25.45 -13.49 35.17
N ALA B 179 -24.51 -12.86 35.83
CA ALA B 179 -24.88 -11.85 36.81
C ALA B 179 -25.32 -10.57 36.15
N ASN B 180 -24.60 -10.16 35.10
CA ASN B 180 -24.78 -8.88 34.46
C ASN B 180 -24.19 -8.93 33.06
N PRO B 181 -24.79 -9.70 32.14
CA PRO B 181 -24.17 -9.91 30.83
C PRO B 181 -24.23 -8.66 29.96
N GLU B 182 -23.48 -8.69 28.85
CA GLU B 182 -23.52 -7.56 27.94
C GLU B 182 -24.94 -7.38 27.40
N ILE B 183 -25.64 -8.48 27.12
CA ILE B 183 -27.02 -8.42 26.65
C ILE B 183 -27.86 -9.42 27.43
N HIS B 184 -29.06 -9.01 27.83
CA HIS B 184 -30.00 -9.88 28.54
C HIS B 184 -31.35 -9.83 27.80
N ILE B 185 -31.76 -10.98 27.26
CA ILE B 185 -32.98 -11.02 26.45
C ILE B 185 -33.95 -12.02 27.06
N ARG B 186 -35.13 -11.54 27.42
CA ARG B 186 -36.22 -12.36 27.94
C ARG B 186 -37.09 -12.77 26.77
N THR B 187 -36.92 -14.02 26.32
CA THR B 187 -37.61 -14.51 25.13
C THR B 187 -39.08 -14.80 25.35
N ASP B 188 -39.58 -14.69 26.57
CA ASP B 188 -41.02 -14.74 26.80
C ASP B 188 -41.66 -13.36 26.61
N GLU B 189 -40.83 -12.34 26.40
CA GLU B 189 -41.26 -10.97 26.25
C GLU B 189 -40.90 -10.39 24.90
N VAL B 190 -39.96 -10.98 24.18
CA VAL B 190 -39.51 -10.47 22.91
C VAL B 190 -39.60 -11.61 21.91
N ASP B 191 -40.01 -11.31 20.68
CA ASP B 191 -40.04 -12.34 19.66
C ASP B 191 -38.65 -12.54 19.07
N VAL B 192 -38.54 -13.47 18.13
CA VAL B 192 -37.23 -13.81 17.56
C VAL B 192 -36.67 -12.60 16.81
N ALA B 193 -37.50 -11.95 15.99
CA ALA B 193 -37.02 -10.79 15.22
C ALA B 193 -36.55 -9.67 16.15
N GLY B 194 -37.27 -9.44 17.25
CA GLY B 194 -36.85 -8.44 18.21
C GLY B 194 -35.56 -8.83 18.93
N ALA B 195 -35.36 -10.13 19.16
CA ALA B 195 -34.09 -10.56 19.75
C ALA B 195 -32.93 -10.31 18.79
N VAL B 196 -33.13 -10.60 17.51
CA VAL B 196 -32.13 -10.30 16.49
C VAL B 196 -31.87 -8.80 16.41
N GLU B 197 -32.93 -8.00 16.51
CA GLU B 197 -32.77 -6.55 16.43
C GLU B 197 -31.92 -6.02 17.57
N ILE B 198 -32.13 -6.53 18.77
CA ILE B 198 -31.36 -6.08 19.93
C ILE B 198 -29.88 -6.40 19.78
N ILE B 199 -29.56 -7.63 19.40
CA ILE B 199 -28.16 -8.02 19.27
C ILE B 199 -27.49 -7.25 18.14
N THR B 200 -28.17 -7.15 17.00
CA THR B 200 -27.61 -6.44 15.86
C THR B 200 -27.39 -4.98 16.19
N LYS B 201 -28.33 -4.36 16.91
CA LYS B 201 -28.18 -2.97 17.30
C LYS B 201 -26.99 -2.80 18.25
N TYR B 202 -26.80 -3.76 19.17
CA TYR B 202 -25.63 -3.72 20.05
C TYR B 202 -24.34 -3.79 19.24
N LEU B 203 -24.30 -4.65 18.23
CA LEU B 203 -23.09 -4.78 17.41
C LEU B 203 -22.78 -3.46 16.71
N ALA B 204 -23.80 -2.84 16.12
CA ALA B 204 -23.60 -1.56 15.45
C ALA B 204 -23.23 -0.46 16.44
N ASP B 205 -23.89 -0.43 17.60
CA ASP B 205 -23.61 0.60 18.61
C ASP B 205 -22.19 0.50 19.16
N ASN B 206 -21.55 -0.65 19.01
CA ASN B 206 -20.18 -0.84 19.48
C ASN B 206 -19.18 -0.94 18.33
N GLY B 207 -19.55 -0.48 17.14
CA GLY B 207 -18.59 -0.37 16.04
C GLY B 207 -18.13 -1.66 15.40
N LEU B 208 -18.77 -2.81 15.69
CA LEU B 208 -18.30 -4.08 15.17
C LEU B 208 -18.82 -4.38 13.78
N ILE B 209 -19.93 -3.77 13.37
CA ILE B 209 -20.44 -3.87 12.01
C ILE B 209 -20.80 -2.47 11.52
N PRO B 210 -20.80 -2.20 10.22
CA PRO B 210 -21.15 -0.85 9.77
C PRO B 210 -22.59 -0.53 10.15
N ALA B 211 -22.86 0.75 10.34
CA ALA B 211 -24.16 1.16 10.83
C ALA B 211 -25.21 1.00 9.74
N PHE C 15 3.49 34.06 -19.92
CA PHE C 15 2.52 33.55 -20.87
C PHE C 15 2.50 34.37 -22.16
N HIS C 16 2.30 33.68 -23.28
CA HIS C 16 2.12 34.35 -24.54
C HIS C 16 0.64 34.63 -24.79
N PRO C 17 0.31 35.58 -25.67
CA PRO C 17 -1.10 35.83 -25.96
C PRO C 17 -1.80 34.59 -26.49
N GLY C 18 -3.11 34.53 -26.26
CA GLY C 18 -3.93 33.42 -26.70
C GLY C 18 -3.87 32.21 -25.78
N ALA C 19 -4.51 31.15 -26.25
CA ALA C 19 -4.60 29.90 -25.51
C ALA C 19 -3.36 29.05 -25.77
N VAL C 20 -3.03 28.20 -24.79
CA VAL C 20 -1.96 27.23 -25.00
C VAL C 20 -2.31 26.39 -26.22
N THR C 21 -1.31 26.11 -27.04
CA THR C 21 -1.54 25.20 -28.15
C THR C 21 -1.43 23.77 -27.63
N GLN C 22 -1.92 22.83 -28.44
CA GLN C 22 -1.94 21.45 -27.98
C GLN C 22 -0.53 20.92 -27.80
N ASP C 23 0.37 21.18 -28.76
CA ASP C 23 1.73 20.69 -28.64
C ASP C 23 2.43 21.31 -27.43
N GLU C 24 2.16 22.58 -27.14
CA GLU C 24 2.69 23.20 -25.94
C GLU C 24 2.21 22.50 -24.67
N ARG C 25 0.89 22.23 -24.59
CA ARG C 25 0.34 21.63 -23.38
C ARG C 25 0.95 20.26 -23.11
N ASP C 26 0.93 19.40 -24.12
CA ASP C 26 1.42 18.03 -23.96
C ASP C 26 2.86 18.00 -23.45
N THR C 27 3.73 18.87 -23.98
CA THR C 27 5.13 18.83 -23.58
C THR C 27 5.32 19.28 -22.14
N LEU C 28 4.68 20.38 -21.76
CA LEU C 28 4.86 20.90 -20.40
C LEU C 28 4.37 19.90 -19.37
N LEU C 29 3.29 19.18 -19.68
CA LEU C 29 2.73 18.17 -18.78
C LEU C 29 3.33 16.79 -19.03
N GLY C 30 4.14 16.65 -20.08
CA GLY C 30 4.80 15.39 -20.37
C GLY C 30 3.89 14.24 -20.74
N GLN C 31 2.77 14.53 -21.40
CA GLN C 31 1.80 13.46 -21.66
C GLN C 31 0.90 13.83 -22.84
N LYS C 32 0.56 12.83 -23.65
CA LYS C 32 -0.36 12.98 -24.76
C LYS C 32 -1.72 12.42 -24.34
N GLY C 33 -2.79 13.16 -24.67
CA GLY C 33 -4.13 12.75 -24.33
C GLY C 33 -4.74 11.84 -25.37
N CYS C 34 -5.67 11.01 -24.93
CA CYS C 34 -6.39 10.14 -25.85
C CYS C 34 -7.64 9.66 -25.14
N THR C 35 -8.50 8.99 -25.89
CA THR C 35 -9.70 8.36 -25.38
C THR C 35 -9.62 6.86 -25.62
N VAL C 36 -9.81 6.09 -24.56
CA VAL C 36 -9.92 4.65 -24.65
C VAL C 36 -11.40 4.31 -24.52
N TRP C 37 -12.00 3.91 -25.62
CA TRP C 37 -13.45 3.73 -25.70
C TRP C 37 -13.79 2.25 -25.57
N LEU C 38 -14.26 1.87 -24.39
CA LEU C 38 -14.72 0.50 -24.17
C LEU C 38 -16.16 0.33 -24.65
N THR C 39 -16.42 -0.78 -25.33
CA THR C 39 -17.78 -1.11 -25.75
C THR C 39 -17.99 -2.61 -25.61
N GLY C 40 -19.20 -3.00 -25.24
CA GLY C 40 -19.48 -4.41 -25.04
C GLY C 40 -20.75 -4.60 -24.25
N LEU C 41 -21.17 -5.86 -24.20
CA LEU C 41 -22.39 -6.26 -23.51
C LEU C 41 -22.31 -5.93 -22.04
N SER C 42 -23.48 -5.81 -21.43
CA SER C 42 -23.57 -5.75 -19.98
C SER C 42 -22.87 -6.96 -19.39
N ALA C 43 -22.13 -6.73 -18.30
CA ALA C 43 -21.36 -7.75 -17.59
C ALA C 43 -20.19 -8.29 -18.41
N SER C 44 -19.84 -7.66 -19.53
CA SER C 44 -18.68 -8.14 -20.28
C SER C 44 -17.38 -7.81 -19.58
N GLY C 45 -17.35 -6.74 -18.78
CA GLY C 45 -16.16 -6.43 -18.00
C GLY C 45 -15.61 -5.03 -18.20
N LYS C 46 -16.43 -4.12 -18.75
CA LYS C 46 -15.92 -2.77 -19.03
C LYS C 46 -15.52 -2.06 -17.74
N SER C 47 -16.41 -2.02 -16.76
CA SER C 47 -16.13 -1.25 -15.56
C SER C 47 -15.00 -1.88 -14.76
N THR C 48 -14.98 -3.21 -14.67
CA THR C 48 -13.92 -3.89 -13.94
C THR C 48 -12.54 -3.56 -14.50
N ILE C 49 -12.42 -3.54 -15.84
CA ILE C 49 -11.14 -3.24 -16.48
C ILE C 49 -10.84 -1.75 -16.40
N ALA C 50 -11.85 -0.91 -16.59
CA ALA C 50 -11.64 0.53 -16.61
C ALA C 50 -11.05 1.04 -15.30
N THR C 51 -11.60 0.61 -14.15
CA THR C 51 -11.02 1.05 -12.90
C THR C 51 -9.63 0.47 -12.70
N ALA C 52 -9.39 -0.75 -13.15
CA ALA C 52 -8.05 -1.34 -12.99
C ALA C 52 -7.03 -0.62 -13.85
N LEU C 53 -7.40 -0.33 -15.10
CA LEU C 53 -6.50 0.40 -16.00
C LEU C 53 -6.24 1.80 -15.49
N GLU C 54 -7.29 2.49 -15.03
CA GLU C 54 -7.13 3.84 -14.50
C GLU C 54 -6.12 3.87 -13.37
N GLN C 55 -6.22 2.92 -12.44
CA GLN C 55 -5.26 2.82 -11.34
C GLN C 55 -3.84 2.54 -11.85
N HIS C 56 -3.71 1.64 -12.82
CA HIS C 56 -2.39 1.30 -13.36
C HIS C 56 -1.72 2.54 -13.96
N LEU C 57 -2.47 3.32 -14.74
CA LEU C 57 -1.91 4.52 -15.34
C LEU C 57 -1.55 5.56 -14.28
N LEU C 58 -2.38 5.70 -13.23
CA LEU C 58 -2.06 6.64 -12.17
C LEU C 58 -0.75 6.28 -11.48
N HIS C 59 -0.47 4.98 -11.33
CA HIS C 59 0.83 4.58 -10.77
C HIS C 59 1.98 5.02 -11.67
N LYS C 60 1.74 5.15 -12.98
CA LYS C 60 2.79 5.59 -13.89
C LYS C 60 2.93 7.10 -13.99
N LYS C 61 2.29 7.84 -13.07
CA LYS C 61 2.31 9.30 -13.05
C LYS C 61 1.58 9.92 -14.25
N LEU C 62 0.57 9.26 -14.77
CA LEU C 62 -0.20 9.83 -15.87
C LEU C 62 -1.62 10.15 -15.41
N HIS C 63 -2.13 11.31 -15.82
CA HIS C 63 -3.53 11.63 -15.56
C HIS C 63 -4.39 10.70 -16.39
N ALA C 64 -5.29 9.97 -15.73
CA ALA C 64 -6.24 9.10 -16.41
C ALA C 64 -7.58 9.26 -15.72
N TYR C 65 -8.66 9.22 -16.49
CA TYR C 65 -9.93 9.47 -15.84
C TYR C 65 -11.03 8.60 -16.46
N ARG C 66 -11.79 7.93 -15.60
CA ARG C 66 -12.85 7.05 -16.05
C ARG C 66 -14.17 7.81 -16.12
N LEU C 67 -14.87 7.66 -17.25
CA LEU C 67 -16.25 8.12 -17.44
C LEU C 67 -17.14 6.88 -17.53
N ASP C 68 -18.14 6.80 -16.64
CA ASP C 68 -19.10 5.71 -16.68
C ASP C 68 -20.40 6.19 -16.06
N GLY C 69 -21.34 5.28 -15.86
CA GLY C 69 -22.66 5.67 -15.39
C GLY C 69 -22.62 6.35 -14.04
N ASP C 70 -21.65 5.97 -13.19
CA ASP C 70 -21.60 6.47 -11.83
C ASP C 70 -21.44 7.98 -11.78
N ASN C 71 -20.61 8.54 -12.67
CA ASN C 71 -20.35 9.97 -12.62
C ASN C 71 -21.01 10.77 -13.75
N ILE C 72 -21.71 10.12 -14.66
CA ILE C 72 -22.38 10.80 -15.79
C ILE C 72 -23.90 10.77 -15.66
N ARG C 73 -24.48 9.63 -15.27
CA ARG C 73 -25.91 9.39 -15.45
C ARG C 73 -26.77 10.36 -14.67
N PHE C 74 -26.43 10.59 -13.40
CA PHE C 74 -27.19 11.45 -12.51
C PHE C 74 -26.56 12.81 -12.32
N GLY C 75 -25.53 13.14 -13.11
CA GLY C 75 -24.98 14.47 -13.04
C GLY C 75 -25.23 15.18 -14.36
N LEU C 76 -24.23 15.16 -15.25
CA LEU C 76 -24.36 15.85 -16.53
C LEU C 76 -25.60 15.43 -17.32
N ASN C 77 -25.90 14.13 -17.35
CA ASN C 77 -26.96 13.60 -18.20
C ASN C 77 -28.23 13.25 -17.44
N LYS C 78 -28.45 13.88 -16.28
CA LYS C 78 -29.63 13.55 -15.50
C LYS C 78 -30.94 13.96 -16.17
N ASP C 79 -30.88 14.86 -17.15
CA ASP C 79 -32.11 15.21 -17.84
C ASP C 79 -32.56 14.12 -18.80
N LEU C 80 -31.72 13.14 -19.11
CA LEU C 80 -32.02 12.20 -20.19
C LEU C 80 -32.79 11.00 -19.63
N GLY C 81 -33.74 10.51 -20.40
CA GLY C 81 -34.52 9.33 -20.06
C GLY C 81 -33.96 8.08 -20.71
N PHE C 82 -34.85 7.13 -21.00
CA PHE C 82 -34.47 5.83 -21.55
C PHE C 82 -34.98 5.60 -22.97
N ASP C 83 -35.58 6.61 -23.60
CA ASP C 83 -36.01 6.50 -24.99
C ASP C 83 -34.80 6.45 -25.92
N GLN C 84 -35.08 6.12 -27.18
CA GLN C 84 -34.03 6.00 -28.20
C GLN C 84 -33.28 7.32 -28.38
N ALA C 85 -34.00 8.45 -28.38
CA ALA C 85 -33.34 9.73 -28.56
C ALA C 85 -32.39 10.06 -27.40
N SER C 86 -32.83 9.82 -26.17
CA SER C 86 -32.01 10.03 -24.98
C SER C 86 -30.73 9.20 -25.00
N ARG C 87 -30.84 7.93 -25.37
CA ARG C 87 -29.65 7.09 -25.46
C ARG C 87 -28.66 7.64 -26.48
N VAL C 88 -29.14 8.13 -27.61
CA VAL C 88 -28.27 8.73 -28.64
C VAL C 88 -27.56 9.97 -28.08
N GLU C 89 -28.30 10.87 -27.44
CA GLU C 89 -27.73 12.09 -26.89
C GLU C 89 -26.75 11.79 -25.75
N ASN C 90 -27.03 10.76 -24.98
CA ASN C 90 -26.14 10.32 -23.91
C ASN C 90 -24.76 10.00 -24.47
N ILE C 91 -24.70 9.17 -25.51
CA ILE C 91 -23.41 8.83 -26.12
C ILE C 91 -22.77 10.04 -26.77
N ARG C 92 -23.57 10.90 -27.42
CA ARG C 92 -23.01 12.11 -28.03
C ARG C 92 -22.22 12.92 -27.02
N ARG C 93 -22.85 13.20 -25.87
CA ARG C 93 -22.24 14.02 -24.83
C ARG C 93 -21.00 13.37 -24.24
N ILE C 94 -21.03 12.04 -24.05
CA ILE C 94 -19.86 11.33 -23.52
C ILE C 94 -18.69 11.43 -24.48
N GLY C 95 -18.97 11.36 -25.79
CA GLY C 95 -17.90 11.58 -26.77
C GLY C 95 -17.30 12.96 -26.67
N GLU C 96 -18.15 13.97 -26.49
CA GLU C 96 -17.64 15.33 -26.33
C GLU C 96 -16.83 15.48 -25.03
N VAL C 97 -17.34 14.93 -23.92
CA VAL C 97 -16.63 15.06 -22.65
C VAL C 97 -15.31 14.33 -22.70
N SER C 98 -15.29 13.13 -23.29
CA SER C 98 -14.03 12.39 -23.43
C SER C 98 -13.01 13.15 -24.27
N LEU C 99 -13.46 13.84 -25.31
CA LEU C 99 -12.55 14.65 -26.11
C LEU C 99 -11.92 15.74 -25.26
N LEU C 100 -12.75 16.45 -24.49
CA LEU C 100 -12.22 17.48 -23.59
C LEU C 100 -11.17 16.91 -22.66
N PHE C 101 -11.45 15.76 -22.04
CA PHE C 101 -10.42 15.15 -21.20
C PHE C 101 -9.17 14.83 -22.01
N ALA C 102 -9.33 14.28 -23.22
CA ALA C 102 -8.16 14.01 -24.04
C ALA C 102 -7.40 15.29 -24.38
N LEU C 103 -8.14 16.38 -24.64
CA LEU C 103 -7.50 17.66 -24.90
C LEU C 103 -6.72 18.19 -23.69
N SER C 104 -7.13 17.79 -22.48
CA SER C 104 -6.42 18.22 -21.28
C SER C 104 -5.16 17.38 -21.02
N SER C 105 -4.70 16.61 -22.01
CA SER C 105 -3.56 15.71 -21.88
C SER C 105 -3.82 14.64 -20.83
N THR C 106 -5.02 14.06 -20.89
CA THR C 106 -5.47 13.00 -20.01
C THR C 106 -5.88 11.78 -20.82
N ILE C 107 -5.62 10.60 -20.25
CA ILE C 107 -6.12 9.35 -20.83
C ILE C 107 -7.55 9.14 -20.36
N SER C 108 -8.50 9.33 -21.28
CA SER C 108 -9.91 9.21 -20.97
C SER C 108 -10.35 7.78 -21.25
N VAL C 109 -10.93 7.13 -20.25
CA VAL C 109 -11.41 5.77 -20.39
C VAL C 109 -12.91 5.82 -20.20
N THR C 110 -13.64 5.49 -21.25
CA THR C 110 -15.10 5.45 -21.22
C THR C 110 -15.58 4.00 -21.16
N ALA C 111 -16.61 3.75 -20.35
CA ALA C 111 -17.04 2.38 -20.05
C ALA C 111 -18.54 2.24 -20.26
N PHE C 112 -19.03 2.54 -21.46
CA PHE C 112 -20.45 2.38 -21.77
C PHE C 112 -20.67 1.29 -22.80
N ILE C 113 -21.82 0.63 -22.68
CA ILE C 113 -22.20 -0.44 -23.61
C ILE C 113 -22.02 0.01 -25.05
N SER C 114 -22.44 1.24 -25.35
CA SER C 114 -22.27 1.88 -26.65
C SER C 114 -22.56 0.91 -27.81
N PRO C 115 -23.77 0.38 -27.90
CA PRO C 115 -24.02 -0.75 -28.82
C PRO C 115 -24.05 -0.38 -30.30
N TYR C 116 -24.31 0.87 -30.67
CA TYR C 116 -24.55 1.19 -32.07
C TYR C 116 -23.27 1.70 -32.73
N ILE C 117 -23.01 1.18 -33.93
CA ILE C 117 -21.83 1.62 -34.68
C ILE C 117 -21.90 3.12 -34.93
N SER C 118 -23.08 3.63 -35.28
CA SER C 118 -23.20 5.04 -35.65
C SER C 118 -22.82 5.95 -34.49
N ASP C 119 -23.27 5.62 -33.28
CA ASP C 119 -22.93 6.44 -32.11
C ASP C 119 -21.44 6.40 -31.83
N ARG C 120 -20.85 5.20 -31.85
CA ARG C 120 -19.41 5.09 -31.64
C ARG C 120 -18.64 5.83 -32.73
N GLN C 121 -19.14 5.77 -33.97
CA GLN C 121 -18.48 6.43 -35.08
C GLN C 121 -18.44 7.94 -34.91
N LEU C 122 -19.53 8.52 -34.40
CA LEU C 122 -19.55 9.97 -34.20
C LEU C 122 -18.57 10.38 -33.11
N ALA C 123 -18.51 9.62 -32.02
CA ALA C 123 -17.51 9.92 -31.01
C ALA C 123 -16.10 9.86 -31.61
N ARG C 124 -15.82 8.82 -32.42
CA ARG C 124 -14.51 8.70 -33.03
C ARG C 124 -14.22 9.89 -33.95
N GLU C 125 -15.22 10.34 -34.69
CA GLU C 125 -15.02 11.42 -35.65
C GLU C 125 -14.72 12.73 -34.95
N LEU C 126 -15.23 12.92 -33.73
CA LEU C 126 -14.84 14.08 -32.92
C LEU C 126 -13.34 14.11 -32.67
N HIS C 127 -12.74 12.93 -32.41
CA HIS C 127 -11.31 12.90 -32.13
C HIS C 127 -10.48 12.99 -33.39
N GLU C 128 -10.82 12.19 -34.40
CA GLU C 128 -9.95 12.09 -35.57
C GLU C 128 -10.02 13.32 -36.45
N LYS C 129 -11.10 14.09 -36.41
CA LYS C 129 -11.25 15.31 -37.19
C LYS C 129 -10.96 16.59 -36.42
N HIS C 130 -10.61 16.50 -35.14
CA HIS C 130 -10.26 17.68 -34.37
C HIS C 130 -9.02 18.34 -34.96
N SER C 131 -8.97 19.68 -34.85
CA SER C 131 -7.94 20.49 -35.50
C SER C 131 -6.57 19.85 -35.38
N SER C 132 -6.17 19.48 -34.16
CA SER C 132 -5.07 18.56 -33.94
C SER C 132 -5.67 17.19 -33.61
N ALA C 133 -5.36 16.19 -34.42
CA ALA C 133 -5.97 14.87 -34.28
C ALA C 133 -5.65 14.26 -32.92
N ILE C 134 -6.67 13.64 -32.33
CA ILE C 134 -6.58 12.98 -31.03
C ILE C 134 -6.86 11.49 -31.23
N PRO C 135 -5.98 10.59 -30.79
CA PRO C 135 -6.22 9.16 -31.00
C PRO C 135 -7.49 8.68 -30.31
N PHE C 136 -8.25 7.84 -31.02
CA PHE C 136 -9.46 7.22 -30.50
C PHE C 136 -9.25 5.72 -30.60
N ILE C 137 -9.15 5.07 -29.46
CA ILE C 137 -8.78 3.66 -29.38
C ILE C 137 -9.99 2.88 -28.92
N GLU C 138 -10.67 2.26 -29.87
CA GLU C 138 -11.89 1.54 -29.62
C GLU C 138 -11.52 0.13 -29.18
N VAL C 139 -11.98 -0.27 -27.99
CA VAL C 139 -11.63 -1.56 -27.41
C VAL C 139 -12.92 -2.36 -27.26
N PHE C 140 -13.05 -3.41 -28.06
CA PHE C 140 -14.18 -4.34 -27.99
C PHE C 140 -13.94 -5.29 -26.82
N ILE C 141 -14.66 -5.04 -25.73
CA ILE C 141 -14.66 -5.90 -24.55
C ILE C 141 -15.69 -6.99 -24.81
N ASP C 142 -15.20 -8.17 -25.22
CA ASP C 142 -15.99 -9.21 -25.87
C ASP C 142 -16.15 -10.43 -24.98
N ALA C 143 -17.38 -10.70 -24.55
CA ALA C 143 -17.70 -11.96 -23.91
C ALA C 143 -18.96 -12.55 -24.54
N PRO C 144 -19.02 -13.86 -24.74
CA PRO C 144 -20.20 -14.47 -25.35
C PRO C 144 -21.45 -14.28 -24.50
N LEU C 145 -22.61 -14.37 -25.16
CA LEU C 145 -23.88 -14.19 -24.47
C LEU C 145 -24.05 -15.20 -23.34
N SER C 146 -23.59 -16.44 -23.54
CA SER C 146 -23.64 -17.43 -22.47
C SER C 146 -22.77 -17.02 -21.28
N VAL C 147 -21.62 -16.40 -21.54
CA VAL C 147 -20.71 -16.07 -20.45
C VAL C 147 -21.27 -14.93 -19.60
N VAL C 148 -21.77 -13.87 -20.26
CA VAL C 148 -22.28 -12.72 -19.51
C VAL C 148 -23.56 -13.09 -18.78
N GLU C 149 -24.30 -14.08 -19.28
CA GLU C 149 -25.47 -14.59 -18.57
C GLU C 149 -25.08 -15.30 -17.29
N GLN C 150 -23.95 -16.02 -17.30
CA GLN C 150 -23.49 -16.69 -16.09
C GLN C 150 -22.99 -15.68 -15.07
N ARG C 151 -22.36 -14.60 -15.51
CA ARG C 151 -21.90 -13.56 -14.58
C ARG C 151 -23.08 -12.87 -13.94
N ASP C 152 -23.90 -12.19 -14.76
CA ASP C 152 -25.11 -11.47 -14.37
C ASP C 152 -24.93 -10.77 -13.02
N PRO C 153 -23.88 -9.95 -12.86
CA PRO C 153 -23.54 -9.44 -11.52
C PRO C 153 -24.56 -8.48 -10.94
N LYS C 154 -25.54 -8.04 -11.74
CA LYS C 154 -26.57 -7.13 -11.23
C LYS C 154 -27.97 -7.72 -11.36
N GLY C 155 -28.09 -8.97 -11.79
CA GLY C 155 -29.40 -9.55 -11.98
C GLY C 155 -30.15 -8.99 -13.17
N LEU C 156 -29.48 -8.22 -14.03
CA LEU C 156 -30.17 -7.52 -15.11
C LEU C 156 -30.65 -8.46 -16.20
N TYR C 157 -29.81 -9.44 -16.56
CA TYR C 157 -30.17 -10.36 -17.64
C TYR C 157 -31.35 -11.24 -17.25
N LYS C 158 -31.43 -11.61 -15.96
CA LYS C 158 -32.54 -12.44 -15.49
C LYS C 158 -33.88 -11.79 -15.80
N LYS C 159 -33.95 -10.46 -15.79
CA LYS C 159 -35.13 -9.76 -16.26
C LYS C 159 -35.22 -9.96 -17.76
N ALA C 160 -36.11 -10.87 -18.18
CA ALA C 160 -36.19 -11.24 -19.58
C ALA C 160 -37.53 -11.92 -19.88
N ILE C 165 -37.75 -5.67 -17.72
CA ILE C 165 -36.92 -4.62 -18.31
C ILE C 165 -36.94 -4.72 -19.83
N LYS C 166 -37.15 -3.60 -20.50
CA LYS C 166 -37.34 -3.59 -21.95
C LYS C 166 -36.10 -3.05 -22.66
N ASP C 167 -35.99 -3.40 -23.95
CA ASP C 167 -34.93 -2.90 -24.85
C ASP C 167 -33.54 -3.13 -24.26
N PHE C 168 -33.29 -4.33 -23.75
CA PHE C 168 -32.01 -4.65 -23.11
C PHE C 168 -31.03 -5.26 -24.10
N THR C 169 -29.85 -4.65 -24.20
CA THR C 169 -28.84 -5.08 -25.16
C THR C 169 -28.52 -6.56 -24.98
N GLY C 170 -28.58 -7.30 -26.09
CA GLY C 170 -28.30 -8.72 -26.14
C GLY C 170 -29.51 -9.64 -26.01
N ILE C 171 -30.63 -9.15 -25.48
CA ILE C 171 -31.82 -9.97 -25.37
C ILE C 171 -32.95 -9.40 -26.21
N SER C 172 -33.34 -8.15 -25.92
CA SER C 172 -34.43 -7.48 -26.61
C SER C 172 -34.00 -6.20 -27.31
N ALA C 173 -32.70 -5.93 -27.37
CA ALA C 173 -32.13 -4.84 -28.14
C ALA C 173 -30.85 -5.33 -28.79
N PRO C 174 -30.46 -4.73 -29.91
CA PRO C 174 -29.28 -5.22 -30.63
C PRO C 174 -27.98 -4.64 -30.08
N TYR C 175 -26.91 -5.43 -30.21
CA TYR C 175 -25.54 -4.93 -30.06
C TYR C 175 -24.83 -5.05 -31.40
N GLU C 176 -24.21 -3.97 -31.84
CA GLU C 176 -23.53 -3.90 -33.13
C GLU C 176 -22.02 -3.96 -32.90
N ALA C 177 -21.44 -5.13 -33.10
CA ALA C 177 -20.03 -5.29 -32.82
C ALA C 177 -19.20 -4.50 -33.82
N PRO C 178 -18.11 -3.87 -33.37
CA PRO C 178 -17.24 -3.14 -34.31
C PRO C 178 -16.55 -4.10 -35.25
N ALA C 179 -16.40 -3.67 -36.51
CA ALA C 179 -15.81 -4.53 -37.52
C ALA C 179 -14.30 -4.61 -37.36
N ASN C 180 -13.66 -3.54 -36.87
CA ASN C 180 -12.21 -3.50 -36.75
C ASN C 180 -11.83 -2.54 -35.65
N PRO C 181 -12.10 -2.88 -34.39
CA PRO C 181 -11.73 -2.00 -33.29
C PRO C 181 -10.23 -2.04 -33.10
N GLU C 182 -9.72 -1.03 -32.40
CA GLU C 182 -8.28 -0.99 -32.17
C GLU C 182 -7.81 -2.16 -31.30
N ILE C 183 -8.60 -2.53 -30.29
CA ILE C 183 -8.26 -3.65 -29.43
C ILE C 183 -9.48 -4.55 -29.26
N HIS C 184 -9.24 -5.86 -29.27
CA HIS C 184 -10.28 -6.86 -29.05
C HIS C 184 -9.82 -7.79 -27.94
N ILE C 185 -10.55 -7.80 -26.83
CA ILE C 185 -10.18 -8.61 -25.66
C ILE C 185 -11.34 -9.54 -25.35
N ARG C 186 -11.06 -10.83 -25.31
CA ARG C 186 -12.04 -11.86 -24.94
C ARG C 186 -11.92 -12.04 -23.44
N THR C 187 -12.88 -11.49 -22.70
CA THR C 187 -12.80 -11.49 -21.25
C THR C 187 -13.10 -12.85 -20.64
N ASP C 188 -13.53 -13.81 -21.45
CA ASP C 188 -13.58 -15.21 -21.03
C ASP C 188 -12.28 -15.94 -21.28
N GLU C 189 -11.30 -15.29 -21.91
CA GLU C 189 -10.03 -15.91 -22.20
C GLU C 189 -8.86 -15.25 -21.48
N VAL C 190 -9.03 -14.03 -20.96
CA VAL C 190 -7.98 -13.31 -20.27
C VAL C 190 -8.54 -12.76 -18.96
N ASP C 191 -7.72 -12.75 -17.91
CA ASP C 191 -8.15 -12.18 -16.64
C ASP C 191 -8.03 -10.65 -16.65
N VAL C 192 -8.40 -10.04 -15.53
CA VAL C 192 -8.48 -8.58 -15.47
C VAL C 192 -7.10 -7.95 -15.67
N ALA C 193 -6.08 -8.50 -15.00
CA ALA C 193 -4.73 -7.95 -15.12
C ALA C 193 -4.18 -8.07 -16.53
N GLY C 194 -4.43 -9.21 -17.19
CA GLY C 194 -3.92 -9.38 -18.54
C GLY C 194 -4.56 -8.39 -19.52
N ALA C 195 -5.85 -8.08 -19.32
CA ALA C 195 -6.52 -7.11 -20.16
C ALA C 195 -5.93 -5.71 -19.96
N VAL C 196 -5.64 -5.34 -18.72
CA VAL C 196 -4.99 -4.06 -18.46
C VAL C 196 -3.62 -4.04 -19.12
N GLU C 197 -2.90 -5.17 -19.07
CA GLU C 197 -1.60 -5.25 -19.75
C GLU C 197 -1.75 -5.07 -21.24
N ILE C 198 -2.79 -5.69 -21.82
CA ILE C 198 -3.01 -5.57 -23.27
C ILE C 198 -3.25 -4.12 -23.66
N ILE C 199 -4.15 -3.44 -22.94
CA ILE C 199 -4.45 -2.05 -23.25
C ILE C 199 -3.21 -1.19 -23.05
N THR C 200 -2.51 -1.40 -21.94
CA THR C 200 -1.32 -0.59 -21.64
C THR C 200 -0.25 -0.78 -22.73
N LYS C 201 -0.08 -2.02 -23.18
CA LYS C 201 0.93 -2.29 -24.21
C LYS C 201 0.59 -1.60 -25.52
N TYR C 202 -0.70 -1.54 -25.86
CA TYR C 202 -1.08 -0.83 -27.08
C TYR C 202 -0.76 0.66 -26.93
N LEU C 203 -0.99 1.22 -25.75
CA LEU C 203 -0.69 2.62 -25.49
C LEU C 203 0.80 2.89 -25.67
N ALA C 204 1.65 2.03 -25.09
CA ALA C 204 3.09 2.21 -25.22
C ALA C 204 3.56 2.00 -26.65
N ASP C 205 3.03 0.98 -27.34
CA ASP C 205 3.42 0.69 -28.71
C ASP C 205 3.02 1.79 -29.68
N ASN C 206 2.07 2.65 -29.32
CA ASN C 206 1.59 3.73 -30.18
C ASN C 206 1.94 5.12 -29.66
N GLY C 207 3.01 5.24 -28.87
CA GLY C 207 3.47 6.54 -28.41
C GLY C 207 2.59 7.22 -27.40
N LEU C 208 1.61 6.54 -26.84
CA LEU C 208 0.68 7.15 -25.90
C LEU C 208 1.17 7.12 -24.45
N ILE C 209 2.29 6.48 -24.17
CA ILE C 209 2.91 6.69 -22.86
C ILE C 209 4.38 7.03 -23.13
N PRO C 210 4.99 7.90 -22.32
CA PRO C 210 6.40 8.23 -22.53
C PRO C 210 7.28 7.03 -22.21
N ALA C 211 8.27 6.78 -23.06
CA ALA C 211 9.15 5.64 -22.83
C ALA C 211 10.34 6.06 -21.97
N HIS D 16 32.23 -10.50 23.15
CA HIS D 16 33.48 -11.19 22.93
C HIS D 16 34.59 -10.19 22.50
N PRO D 17 35.86 -10.59 22.65
CA PRO D 17 36.95 -9.68 22.30
C PRO D 17 36.91 -9.26 20.83
N GLY D 18 37.41 -8.06 20.58
CA GLY D 18 37.48 -7.55 19.24
C GLY D 18 36.15 -7.03 18.73
N ALA D 19 36.13 -6.71 17.46
CA ALA D 19 34.93 -6.23 16.81
C ALA D 19 34.06 -7.40 16.38
N VAL D 20 32.77 -7.13 16.19
CA VAL D 20 31.90 -8.15 15.63
C VAL D 20 32.46 -8.60 14.29
N THR D 21 32.42 -9.90 14.04
CA THR D 21 32.83 -10.35 12.72
C THR D 21 31.69 -10.13 11.74
N GLN D 22 32.02 -10.20 10.44
CA GLN D 22 30.98 -9.94 9.45
C GLN D 22 29.90 -11.01 9.48
N ASP D 23 30.27 -12.28 9.61
CA ASP D 23 29.27 -13.35 9.68
C ASP D 23 28.38 -13.18 10.91
N GLU D 24 28.95 -12.77 12.03
CA GLU D 24 28.15 -12.51 13.22
C GLU D 24 27.12 -11.41 12.97
N ARG D 25 27.56 -10.28 12.40
CA ARG D 25 26.67 -9.18 12.13
C ARG D 25 25.59 -9.57 11.13
N ASP D 26 25.98 -10.20 10.02
CA ASP D 26 25.04 -10.63 9.00
C ASP D 26 23.96 -11.54 9.57
N THR D 27 24.35 -12.48 10.45
CA THR D 27 23.38 -13.43 11.00
C THR D 27 22.42 -12.75 11.97
N LEU D 28 22.95 -11.90 12.85
CA LEU D 28 22.12 -11.24 13.86
C LEU D 28 21.06 -10.33 13.22
N LEU D 29 21.41 -9.68 12.12
CA LEU D 29 20.50 -8.74 11.49
C LEU D 29 19.64 -9.38 10.40
N GLY D 30 19.87 -10.65 10.08
CA GLY D 30 19.05 -11.32 9.07
C GLY D 30 19.20 -10.74 7.68
N GLN D 31 20.36 -10.19 7.37
CA GLN D 31 20.57 -9.51 6.10
C GLN D 31 22.06 -9.41 5.84
N LYS D 32 22.43 -9.59 4.56
CA LYS D 32 23.80 -9.43 4.09
C LYS D 32 23.93 -8.13 3.31
N GLY D 33 25.02 -7.42 3.55
CA GLY D 33 25.22 -6.16 2.88
C GLY D 33 25.82 -6.33 1.50
N CYS D 34 25.52 -5.36 0.65
CA CYS D 34 26.04 -5.33 -0.71
C CYS D 34 25.91 -3.91 -1.22
N THR D 35 26.52 -3.67 -2.38
CA THR D 35 26.42 -2.37 -3.05
C THR D 35 25.74 -2.58 -4.39
N VAL D 36 24.65 -1.87 -4.61
CA VAL D 36 23.95 -1.84 -5.89
C VAL D 36 24.37 -0.55 -6.56
N TRP D 37 25.21 -0.67 -7.57
CA TRP D 37 25.85 0.48 -8.20
C TRP D 37 25.15 0.73 -9.54
N LEU D 38 24.30 1.75 -9.57
CA LEU D 38 23.64 2.14 -10.82
C LEU D 38 24.57 3.04 -11.64
N THR D 39 24.58 2.82 -12.95
CA THR D 39 25.34 3.68 -13.85
C THR D 39 24.56 3.86 -15.15
N GLY D 40 24.65 5.04 -15.73
CA GLY D 40 23.91 5.33 -16.95
C GLY D 40 23.86 6.81 -17.20
N LEU D 41 23.39 7.16 -18.40
CA LEU D 41 23.28 8.56 -18.78
C LEU D 41 22.32 9.31 -17.87
N SER D 42 22.47 10.64 -17.85
CA SER D 42 21.47 11.48 -17.21
C SER D 42 20.10 11.23 -17.81
N ALA D 43 19.09 11.24 -16.94
CA ALA D 43 17.68 10.98 -17.25
C ALA D 43 17.42 9.54 -17.65
N SER D 44 18.40 8.64 -17.52
CA SER D 44 18.14 7.24 -17.85
C SER D 44 17.25 6.59 -16.81
N GLY D 45 17.25 7.08 -15.58
CA GLY D 45 16.33 6.58 -14.58
C GLY D 45 17.00 6.04 -13.32
N LYS D 46 18.25 6.42 -13.06
CA LYS D 46 18.97 5.89 -11.89
C LYS D 46 18.30 6.31 -10.60
N SER D 47 17.99 7.61 -10.47
CA SER D 47 17.37 8.11 -9.25
C SER D 47 15.96 7.54 -9.08
N THR D 48 15.16 7.57 -10.15
CA THR D 48 13.80 7.03 -10.05
C THR D 48 13.82 5.57 -9.63
N ILE D 49 14.74 4.78 -10.20
CA ILE D 49 14.83 3.37 -9.83
C ILE D 49 15.36 3.21 -8.42
N ALA D 50 16.37 4.02 -8.05
CA ALA D 50 16.99 3.91 -6.74
C ALA D 50 16.00 4.18 -5.62
N THR D 51 15.16 5.22 -5.77
CA THR D 51 14.19 5.55 -4.72
C THR D 51 13.05 4.54 -4.64
N ALA D 52 12.58 4.02 -5.78
CA ALA D 52 11.50 3.02 -5.75
C ALA D 52 12.00 1.70 -5.17
N LEU D 53 13.22 1.30 -5.54
CA LEU D 53 13.81 0.09 -4.98
C LEU D 53 14.00 0.21 -3.47
N GLU D 54 14.53 1.35 -3.01
CA GLU D 54 14.72 1.54 -1.58
C GLU D 54 13.40 1.45 -0.83
N GLN D 55 12.36 2.08 -1.37
CA GLN D 55 11.04 1.99 -0.75
C GLN D 55 10.58 0.54 -0.67
N HIS D 56 10.72 -0.19 -1.78
CA HIS D 56 10.32 -1.60 -1.78
C HIS D 56 11.12 -2.43 -0.79
N LEU D 57 12.44 -2.23 -0.73
CA LEU D 57 13.26 -3.01 0.19
C LEU D 57 12.91 -2.72 1.64
N LEU D 58 12.58 -1.47 1.97
CA LEU D 58 12.16 -1.15 3.33
C LEU D 58 10.88 -1.88 3.72
N HIS D 59 9.94 -2.06 2.78
CA HIS D 59 8.72 -2.82 3.08
C HIS D 59 9.01 -4.29 3.39
N LYS D 60 10.12 -4.82 2.87
CA LYS D 60 10.52 -6.16 3.23
C LYS D 60 11.31 -6.18 4.54
N LYS D 61 11.27 -5.08 5.30
CA LYS D 61 11.94 -4.97 6.60
C LYS D 61 13.45 -5.06 6.45
N LEU D 62 13.96 -4.60 5.31
CA LEU D 62 15.37 -4.67 4.99
C LEU D 62 15.98 -3.28 5.03
N HIS D 63 17.17 -3.18 5.63
CA HIS D 63 17.90 -1.92 5.60
C HIS D 63 18.43 -1.70 4.20
N ALA D 64 18.00 -0.59 3.61
CA ALA D 64 18.47 -0.15 2.31
C ALA D 64 18.63 1.36 2.37
N TYR D 65 19.68 1.89 1.73
CA TYR D 65 20.01 3.30 1.79
C TYR D 65 20.56 3.79 0.46
N ARG D 66 19.99 4.88 -0.05
CA ARG D 66 20.38 5.44 -1.32
C ARG D 66 21.47 6.50 -1.13
N LEU D 67 22.55 6.39 -1.91
CA LEU D 67 23.56 7.43 -2.02
C LEU D 67 23.44 8.06 -3.40
N ASP D 68 23.19 9.37 -3.44
CA ASP D 68 23.12 10.13 -4.70
C ASP D 68 23.55 11.57 -4.42
N GLY D 69 23.32 12.45 -5.41
CA GLY D 69 23.79 13.83 -5.29
C GLY D 69 23.17 14.56 -4.12
N ASP D 70 21.92 14.24 -3.78
CA ASP D 70 21.20 14.99 -2.75
C ASP D 70 21.84 14.86 -1.36
N ASN D 71 22.35 13.67 -1.02
CA ASN D 71 22.89 13.49 0.33
C ASN D 71 24.41 13.41 0.37
N ILE D 72 25.09 13.41 -0.77
CA ILE D 72 26.54 13.33 -0.82
C ILE D 72 27.16 14.66 -1.24
N ARG D 73 26.60 15.29 -2.28
CA ARG D 73 27.33 16.33 -3.02
C ARG D 73 27.63 17.54 -2.15
N PHE D 74 26.65 17.99 -1.37
CA PHE D 74 26.80 19.19 -0.57
C PHE D 74 27.12 18.90 0.89
N GLY D 75 27.42 17.65 1.22
CA GLY D 75 27.83 17.28 2.57
C GLY D 75 29.24 16.73 2.59
N LEU D 76 29.37 15.40 2.56
CA LEU D 76 30.68 14.77 2.59
C LEU D 76 31.59 15.33 1.50
N ASN D 77 31.07 15.51 0.29
CA ASN D 77 31.90 15.90 -0.83
C ASN D 77 31.74 17.38 -1.21
N LYS D 78 31.30 18.23 -0.28
CA LYS D 78 31.06 19.63 -0.59
C LYS D 78 32.33 20.38 -0.97
N ASP D 79 33.49 19.83 -0.63
CA ASP D 79 34.79 20.42 -0.95
C ASP D 79 35.22 20.16 -2.39
N LEU D 80 34.51 19.31 -3.12
CA LEU D 80 34.92 18.90 -4.46
C LEU D 80 34.31 19.81 -5.51
N GLY D 81 35.10 20.12 -6.54
CA GLY D 81 34.65 20.90 -7.67
C GLY D 81 34.22 20.02 -8.83
N PHE D 82 34.38 20.56 -10.03
CA PHE D 82 33.95 19.87 -11.25
C PHE D 82 35.11 19.50 -12.16
N ASP D 83 36.34 19.73 -11.72
CA ASP D 83 37.49 19.32 -12.49
C ASP D 83 37.59 17.79 -12.51
N GLN D 84 38.44 17.28 -13.41
CA GLN D 84 38.56 15.83 -13.57
C GLN D 84 39.01 15.17 -12.28
N ALA D 85 39.96 15.77 -11.56
CA ALA D 85 40.43 15.21 -10.30
C ALA D 85 39.32 15.17 -9.26
N SER D 86 38.50 16.23 -9.18
CA SER D 86 37.39 16.23 -8.24
C SER D 86 36.42 15.10 -8.53
N ARG D 87 36.06 14.90 -9.81
CA ARG D 87 35.14 13.84 -10.18
C ARG D 87 35.72 12.45 -9.88
N VAL D 88 37.00 12.24 -10.17
CA VAL D 88 37.64 10.98 -9.80
C VAL D 88 37.58 10.79 -8.29
N GLU D 89 37.89 11.84 -7.53
CA GLU D 89 37.82 11.78 -6.07
C GLU D 89 36.38 11.62 -5.57
N ASN D 90 35.41 12.19 -6.28
CA ASN D 90 34.01 12.01 -5.91
C ASN D 90 33.61 10.54 -5.92
N ILE D 91 33.89 9.85 -7.03
CA ILE D 91 33.53 8.44 -7.14
C ILE D 91 34.36 7.60 -6.17
N ARG D 92 35.63 7.98 -5.96
CA ARG D 92 36.43 7.22 -5.01
C ARG D 92 35.76 7.15 -3.65
N ARG D 93 35.37 8.32 -3.10
CA ARG D 93 34.78 8.39 -1.77
C ARG D 93 33.44 7.68 -1.74
N ILE D 94 32.66 7.77 -2.82
CA ILE D 94 31.37 7.09 -2.86
C ILE D 94 31.57 5.59 -2.76
N GLY D 95 32.59 5.06 -3.45
CA GLY D 95 32.87 3.64 -3.32
C GLY D 95 33.21 3.26 -1.89
N GLU D 96 34.02 4.07 -1.21
CA GLU D 96 34.38 3.77 0.17
C GLU D 96 33.16 3.84 1.07
N VAL D 97 32.35 4.89 0.93
CA VAL D 97 31.19 5.06 1.80
C VAL D 97 30.19 3.95 1.54
N SER D 98 29.98 3.59 0.26
CA SER D 98 29.08 2.49 -0.08
C SER D 98 29.59 1.16 0.48
N LEU D 99 30.91 0.96 0.50
CA LEU D 99 31.45 -0.22 1.17
C LEU D 99 31.06 -0.23 2.64
N LEU D 100 31.20 0.92 3.32
CA LEU D 100 30.85 1.03 4.74
C LEU D 100 29.41 0.64 5.02
N PHE D 101 28.46 1.16 4.21
CA PHE D 101 27.07 0.80 4.45
C PHE D 101 26.86 -0.71 4.30
N ALA D 102 27.48 -1.33 3.29
CA ALA D 102 27.39 -2.77 3.13
C ALA D 102 28.00 -3.52 4.33
N LEU D 103 29.11 -3.03 4.87
CA LEU D 103 29.68 -3.66 6.07
C LEU D 103 28.73 -3.57 7.26
N SER D 104 27.83 -2.60 7.27
CA SER D 104 26.83 -2.49 8.32
C SER D 104 25.60 -3.37 8.07
N SER D 105 25.69 -4.25 7.08
CA SER D 105 24.58 -5.11 6.66
C SER D 105 23.42 -4.28 6.11
N THR D 106 23.77 -3.30 5.28
CA THR D 106 22.77 -2.50 4.60
C THR D 106 22.97 -2.74 3.12
N ILE D 107 21.86 -2.75 2.38
CA ILE D 107 21.93 -2.76 0.92
C ILE D 107 22.18 -1.31 0.51
N SER D 108 23.38 -1.02 0.02
CA SER D 108 23.72 0.34 -0.40
C SER D 108 23.42 0.50 -1.88
N VAL D 109 22.58 1.47 -2.21
CA VAL D 109 22.17 1.74 -3.59
C VAL D 109 22.71 3.12 -3.96
N THR D 110 23.65 3.16 -4.90
CA THR D 110 24.25 4.38 -5.41
C THR D 110 23.70 4.71 -6.79
N ALA D 111 23.50 6.00 -7.07
CA ALA D 111 22.85 6.44 -8.29
C ALA D 111 23.58 7.61 -8.94
N PHE D 112 24.85 7.39 -9.32
CA PHE D 112 25.68 8.38 -9.99
C PHE D 112 25.94 7.97 -11.43
N ILE D 113 26.09 8.97 -12.30
CA ILE D 113 26.36 8.68 -13.71
C ILE D 113 27.54 7.72 -13.82
N SER D 114 28.59 7.97 -13.04
CA SER D 114 29.81 7.17 -12.96
C SER D 114 30.24 6.72 -14.36
N PRO D 115 30.53 7.67 -15.26
CA PRO D 115 30.65 7.33 -16.69
C PRO D 115 31.88 6.52 -17.05
N TYR D 116 32.93 6.50 -16.23
CA TYR D 116 34.19 5.90 -16.63
C TYR D 116 34.33 4.50 -16.08
N ILE D 117 34.78 3.58 -16.95
CA ILE D 117 34.98 2.19 -16.54
C ILE D 117 35.96 2.12 -15.38
N SER D 118 37.02 2.92 -15.43
CA SER D 118 38.09 2.83 -14.44
C SER D 118 37.59 3.13 -13.04
N ASP D 119 36.76 4.18 -12.89
CA ASP D 119 36.22 4.54 -11.57
C ASP D 119 35.32 3.46 -11.02
N ARG D 120 34.42 2.92 -11.84
CA ARG D 120 33.57 1.82 -11.38
C ARG D 120 34.40 0.59 -10.99
N GLN D 121 35.51 0.36 -11.70
CA GLN D 121 36.38 -0.78 -11.37
C GLN D 121 37.05 -0.61 -10.02
N LEU D 122 37.46 0.61 -9.67
CA LEU D 122 38.09 0.82 -8.36
C LEU D 122 37.09 0.62 -7.23
N ALA D 123 35.87 1.14 -7.38
CA ALA D 123 34.83 0.90 -6.38
C ALA D 123 34.50 -0.58 -6.24
N ARG D 124 34.38 -1.29 -7.38
CA ARG D 124 34.13 -2.72 -7.34
C ARG D 124 35.22 -3.45 -6.59
N GLU D 125 36.48 -3.09 -6.84
CA GLU D 125 37.58 -3.81 -6.21
C GLU D 125 37.63 -3.55 -4.73
N LEU D 126 37.18 -2.37 -4.28
CA LEU D 126 37.05 -2.12 -2.85
C LEU D 126 36.19 -3.19 -2.18
N HIS D 127 35.11 -3.61 -2.85
CA HIS D 127 34.21 -4.61 -2.29
C HIS D 127 34.75 -6.02 -2.47
N GLU D 128 35.19 -6.36 -3.69
CA GLU D 128 35.52 -7.74 -4.03
C GLU D 128 36.82 -8.21 -3.41
N LYS D 129 37.74 -7.29 -3.13
CA LYS D 129 39.02 -7.58 -2.50
C LYS D 129 39.04 -7.32 -1.00
N HIS D 130 37.93 -6.88 -0.41
CA HIS D 130 37.91 -6.68 1.03
C HIS D 130 38.13 -7.99 1.76
N SER D 131 38.78 -7.89 2.94
CA SER D 131 39.16 -9.04 3.76
C SER D 131 38.05 -10.07 3.83
N SER D 132 36.84 -9.60 4.11
CA SER D 132 35.62 -10.36 3.83
C SER D 132 35.05 -9.80 2.53
N ALA D 133 34.98 -10.64 1.50
CA ALA D 133 34.53 -10.18 0.19
C ALA D 133 33.11 -9.65 0.28
N ILE D 134 32.85 -8.54 -0.42
CA ILE D 134 31.56 -7.87 -0.41
C ILE D 134 30.99 -7.89 -1.82
N PRO D 135 29.76 -8.36 -2.04
CA PRO D 135 29.20 -8.39 -3.41
C PRO D 135 28.93 -6.98 -3.95
N PHE D 136 29.36 -6.76 -5.20
CA PHE D 136 29.21 -5.49 -5.89
C PHE D 136 28.36 -5.74 -7.12
N ILE D 137 27.19 -5.11 -7.15
CA ILE D 137 26.16 -5.40 -8.15
C ILE D 137 26.04 -4.19 -9.05
N GLU D 138 26.69 -4.25 -10.21
CA GLU D 138 26.75 -3.15 -11.17
C GLU D 138 25.55 -3.23 -12.10
N VAL D 139 24.74 -2.18 -12.12
CA VAL D 139 23.48 -2.16 -12.88
C VAL D 139 23.56 -1.09 -13.95
N PHE D 140 23.59 -1.52 -15.22
CA PHE D 140 23.57 -0.63 -16.37
C PHE D 140 22.12 -0.17 -16.59
N ILE D 141 21.85 1.09 -16.26
CA ILE D 141 20.57 1.73 -16.52
C ILE D 141 20.67 2.34 -17.90
N ASP D 142 20.18 1.62 -18.91
CA ASP D 142 20.47 1.90 -20.31
C ASP D 142 19.20 2.39 -21.01
N ALA D 143 19.21 3.65 -21.43
CA ALA D 143 18.21 4.20 -22.33
C ALA D 143 18.93 4.92 -23.46
N PRO D 144 18.39 4.87 -24.68
CA PRO D 144 19.07 5.55 -25.80
C PRO D 144 19.17 7.06 -25.56
N LEU D 145 20.17 7.67 -26.21
CA LEU D 145 20.35 9.12 -26.09
C LEU D 145 19.13 9.88 -26.56
N SER D 146 18.48 9.38 -27.62
CA SER D 146 17.24 9.98 -28.07
C SER D 146 16.14 9.88 -27.01
N VAL D 147 16.09 8.77 -26.26
CA VAL D 147 15.02 8.61 -25.27
C VAL D 147 15.23 9.56 -24.10
N VAL D 148 16.45 9.62 -23.57
CA VAL D 148 16.69 10.48 -22.42
C VAL D 148 16.66 11.95 -22.80
N GLU D 149 17.00 12.27 -24.04
CA GLU D 149 16.86 13.65 -24.49
C GLU D 149 15.40 14.06 -24.58
N GLN D 150 14.51 13.14 -24.95
CA GLN D 150 13.07 13.45 -24.98
C GLN D 150 12.52 13.61 -23.56
N ARG D 151 13.00 12.79 -22.62
CA ARG D 151 12.58 12.93 -21.22
C ARG D 151 13.10 14.23 -20.63
N ASP D 152 14.43 14.38 -20.55
CA ASP D 152 15.12 15.59 -20.10
C ASP D 152 14.40 16.29 -18.94
N PRO D 153 14.20 15.61 -17.81
CA PRO D 153 13.35 16.19 -16.75
C PRO D 153 13.93 17.45 -16.10
N LYS D 154 15.19 17.81 -16.38
CA LYS D 154 15.76 19.02 -15.81
C LYS D 154 16.22 20.02 -16.88
N GLY D 155 15.95 19.75 -18.15
CA GLY D 155 16.45 20.63 -19.19
C GLY D 155 17.94 20.54 -19.41
N LEU D 156 18.59 19.53 -18.83
CA LEU D 156 20.05 19.45 -18.86
C LEU D 156 20.59 19.18 -20.25
N TYR D 157 19.90 18.35 -21.03
CA TYR D 157 20.37 18.09 -22.38
C TYR D 157 20.22 19.31 -23.27
N LYS D 158 19.21 20.14 -23.03
CA LYS D 158 19.02 21.34 -23.86
C LYS D 158 20.24 22.25 -23.81
N LYS D 159 20.86 22.37 -22.65
CA LYS D 159 22.11 23.10 -22.53
C LYS D 159 23.25 22.34 -23.21
N ILE D 165 26.24 24.52 -20.80
CA ILE D 165 26.72 23.46 -19.93
C ILE D 165 27.86 22.67 -20.59
N LYS D 166 28.95 22.49 -19.84
CA LYS D 166 30.19 21.92 -20.36
C LYS D 166 30.41 20.50 -19.86
N ASP D 167 31.22 19.76 -20.62
CA ASP D 167 31.66 18.41 -20.26
C ASP D 167 30.48 17.54 -19.83
N PHE D 168 29.42 17.54 -20.62
CA PHE D 168 28.20 16.81 -20.28
C PHE D 168 28.28 15.39 -20.83
N THR D 169 28.17 14.42 -19.94
CA THR D 169 28.28 13.02 -20.31
C THR D 169 27.26 12.65 -21.39
N GLY D 170 27.75 12.04 -22.47
CA GLY D 170 26.91 11.60 -23.55
C GLY D 170 26.77 12.60 -24.67
N ILE D 171 27.11 13.85 -24.42
CA ILE D 171 27.02 14.92 -25.41
C ILE D 171 28.42 15.46 -25.69
N SER D 172 29.09 15.94 -24.65
CA SER D 172 30.42 16.53 -24.79
C SER D 172 31.46 15.83 -23.94
N ALA D 173 31.11 14.71 -23.32
CA ALA D 173 32.04 13.84 -22.62
C ALA D 173 31.60 12.42 -22.90
N PRO D 174 32.52 11.46 -22.85
CA PRO D 174 32.14 10.09 -23.22
C PRO D 174 31.45 9.41 -22.06
N TYR D 175 30.58 8.47 -22.40
CA TYR D 175 30.06 7.50 -21.45
C TYR D 175 30.62 6.14 -21.82
N GLU D 176 31.20 5.46 -20.84
CA GLU D 176 31.81 4.15 -21.05
C GLU D 176 30.84 3.11 -20.49
N ALA D 177 30.06 2.49 -21.38
CA ALA D 177 29.05 1.55 -20.93
C ALA D 177 29.72 0.32 -20.36
N PRO D 178 29.19 -0.26 -19.28
CA PRO D 178 29.86 -1.42 -18.69
C PRO D 178 29.85 -2.62 -19.61
N ALA D 179 30.99 -3.31 -19.64
CA ALA D 179 31.19 -4.48 -20.49
C ALA D 179 30.59 -5.73 -19.88
N ASN D 180 30.51 -5.77 -18.56
CA ASN D 180 30.08 -6.97 -17.84
C ASN D 180 29.38 -6.58 -16.54
N PRO D 181 28.25 -5.87 -16.61
CA PRO D 181 27.54 -5.54 -15.37
C PRO D 181 26.78 -6.76 -14.88
N GLU D 182 26.45 -6.75 -13.59
CA GLU D 182 25.64 -7.83 -13.08
C GLU D 182 24.23 -7.77 -13.64
N ILE D 183 23.68 -6.58 -13.82
CA ILE D 183 22.33 -6.39 -14.37
C ILE D 183 22.36 -5.33 -15.47
N HIS D 184 21.62 -5.58 -16.54
CA HIS D 184 21.50 -4.64 -17.65
C HIS D 184 20.02 -4.37 -17.86
N ILE D 185 19.60 -3.13 -17.66
CA ILE D 185 18.20 -2.72 -17.68
C ILE D 185 18.03 -1.66 -18.76
N ARG D 186 17.15 -1.93 -19.72
CA ARG D 186 16.76 -0.95 -20.71
C ARG D 186 15.49 -0.27 -20.21
N THR D 187 15.65 0.96 -19.72
CA THR D 187 14.52 1.71 -19.18
C THR D 187 13.60 2.26 -20.27
N ASP D 188 13.94 2.09 -21.55
CA ASP D 188 12.98 2.37 -22.61
C ASP D 188 12.07 1.18 -22.90
N GLU D 189 12.36 0.02 -22.32
CA GLU D 189 11.57 -1.18 -22.55
C GLU D 189 10.83 -1.70 -21.33
N VAL D 190 11.20 -1.27 -20.13
CA VAL D 190 10.60 -1.74 -18.90
C VAL D 190 10.22 -0.54 -18.06
N ASP D 191 9.11 -0.64 -17.32
CA ASP D 191 8.72 0.47 -16.48
C ASP D 191 9.56 0.47 -15.20
N VAL D 192 9.27 1.43 -14.32
CA VAL D 192 10.05 1.53 -13.09
C VAL D 192 9.81 0.31 -12.22
N ALA D 193 8.56 -0.11 -12.07
CA ALA D 193 8.24 -1.27 -11.25
C ALA D 193 8.94 -2.52 -11.78
N GLY D 194 8.99 -2.68 -13.10
CA GLY D 194 9.68 -3.81 -13.67
C GLY D 194 11.18 -3.77 -13.45
N ALA D 195 11.76 -2.56 -13.47
CA ALA D 195 13.16 -2.42 -13.14
C ALA D 195 13.40 -2.76 -11.67
N VAL D 196 12.49 -2.32 -10.79
CA VAL D 196 12.58 -2.69 -9.38
C VAL D 196 12.50 -4.20 -9.22
N GLU D 197 11.55 -4.85 -9.93
CA GLU D 197 11.41 -6.30 -9.81
C GLU D 197 12.67 -7.01 -10.32
N ILE D 198 13.26 -6.51 -11.41
CA ILE D 198 14.47 -7.12 -11.96
C ILE D 198 15.61 -7.09 -10.93
N ILE D 199 15.86 -5.93 -10.33
CA ILE D 199 16.93 -5.84 -9.34
C ILE D 199 16.61 -6.69 -8.12
N THR D 200 15.36 -6.62 -7.62
CA THR D 200 14.98 -7.36 -6.42
C THR D 200 15.10 -8.86 -6.64
N LYS D 201 14.69 -9.35 -7.81
CA LYS D 201 14.77 -10.77 -8.09
C LYS D 201 16.22 -11.22 -8.14
N TYR D 202 17.10 -10.39 -8.69
CA TYR D 202 18.52 -10.72 -8.71
C TYR D 202 19.07 -10.85 -7.31
N LEU D 203 18.65 -9.97 -6.39
CA LEU D 203 19.12 -10.03 -5.02
C LEU D 203 18.76 -11.36 -4.36
N ALA D 204 17.50 -11.78 -4.51
CA ALA D 204 17.05 -13.04 -3.92
C ALA D 204 17.73 -14.24 -4.57
N ASP D 205 17.90 -14.21 -5.90
CA ASP D 205 18.52 -15.35 -6.58
C ASP D 205 19.94 -15.60 -6.11
N ASN D 206 20.58 -14.59 -5.52
CA ASN D 206 21.94 -14.74 -5.02
C ASN D 206 21.99 -14.68 -3.49
N GLY D 207 20.87 -14.96 -2.83
CA GLY D 207 20.84 -15.08 -1.39
C GLY D 207 21.02 -13.79 -0.61
N LEU D 208 20.99 -12.63 -1.26
CA LEU D 208 21.26 -11.40 -0.53
C LEU D 208 20.03 -10.81 0.15
N ILE D 209 18.82 -11.18 -0.28
CA ILE D 209 17.59 -10.79 0.40
C ILE D 209 16.73 -12.05 0.61
N PRO D 210 15.94 -12.13 1.70
CA PRO D 210 15.13 -13.35 1.94
C PRO D 210 13.99 -13.56 0.96
N ALA D 211 13.06 -14.42 1.37
CA ALA D 211 11.85 -14.72 0.62
C ALA D 211 10.63 -14.68 1.54
N HIS E 16 4.49 5.18 -2.53
CA HIS E 16 4.16 6.49 -3.06
C HIS E 16 5.31 7.03 -3.91
N PRO E 17 5.01 7.97 -4.81
CA PRO E 17 6.07 8.61 -5.59
C PRO E 17 7.06 9.36 -4.70
N GLY E 18 8.25 9.57 -5.23
CA GLY E 18 9.27 10.30 -4.51
C GLY E 18 10.02 9.42 -3.53
N ALA E 19 10.85 10.08 -2.71
CA ALA E 19 11.69 9.37 -1.77
C ALA E 19 10.89 9.02 -0.52
N VAL E 20 11.28 7.93 0.12
CA VAL E 20 10.74 7.57 1.43
C VAL E 20 11.02 8.69 2.42
N THR E 21 10.07 8.98 3.29
CA THR E 21 10.38 9.96 4.32
C THR E 21 11.11 9.30 5.48
N GLN E 22 11.69 10.14 6.35
CA GLN E 22 12.41 9.63 7.51
C GLN E 22 11.48 8.88 8.45
N ASP E 23 10.29 9.43 8.70
CA ASP E 23 9.33 8.75 9.57
C ASP E 23 8.87 7.44 8.96
N GLU E 24 8.66 7.41 7.64
CA GLU E 24 8.33 6.17 6.96
C GLU E 24 9.45 5.14 7.14
N ARG E 25 10.70 5.56 6.93
CA ARG E 25 11.82 4.62 7.05
C ARG E 25 11.94 4.09 8.47
N ASP E 26 11.98 5.00 9.46
CA ASP E 26 12.12 4.57 10.84
C ASP E 26 11.03 3.59 11.22
N THR E 27 9.78 3.89 10.81
CA THR E 27 8.67 3.00 11.14
C THR E 27 8.79 1.67 10.40
N LEU E 28 9.14 1.71 9.11
CA LEU E 28 9.26 0.46 8.37
C LEU E 28 10.38 -0.42 8.92
N LEU E 29 11.48 0.19 9.37
CA LEU E 29 12.62 -0.56 9.92
C LEU E 29 12.54 -0.75 11.43
N GLY E 30 11.54 -0.16 12.09
CA GLY E 30 11.35 -0.35 13.53
C GLY E 30 12.47 0.19 14.40
N GLN E 31 13.13 1.27 13.98
CA GLN E 31 14.27 1.80 14.71
C GLN E 31 14.52 3.23 14.26
N LYS E 32 14.94 4.09 15.19
CA LYS E 32 15.34 5.45 14.87
C LYS E 32 16.86 5.54 14.89
N GLY E 33 17.41 6.24 13.91
CA GLY E 33 18.84 6.41 13.82
C GLY E 33 19.32 7.60 14.63
N CYS E 34 20.58 7.52 15.06
CA CYS E 34 21.19 8.59 15.83
C CYS E 34 22.68 8.38 15.76
N THR E 35 23.42 9.37 16.26
CA THR E 35 24.87 9.31 16.31
C THR E 35 25.32 9.27 17.75
N VAL E 36 26.12 8.26 18.09
CA VAL E 36 26.75 8.18 19.41
C VAL E 36 28.19 8.64 19.24
N TRP E 37 28.48 9.85 19.69
CA TRP E 37 29.77 10.48 19.44
C TRP E 37 30.59 10.41 20.72
N LEU E 38 31.51 9.46 20.76
CA LEU E 38 32.41 9.34 21.90
C LEU E 38 33.55 10.34 21.73
N THR E 39 33.95 10.97 22.82
CA THR E 39 35.10 11.85 22.78
C THR E 39 35.88 11.65 24.08
N GLY E 40 37.21 11.73 23.99
CA GLY E 40 38.01 11.52 25.17
C GLY E 40 39.45 11.28 24.79
N LEU E 41 40.29 11.30 25.80
CA LEU E 41 41.73 11.13 25.60
C LEU E 41 42.04 9.79 24.97
N SER E 42 43.22 9.71 24.36
CA SER E 42 43.75 8.41 23.97
C SER E 42 43.84 7.50 25.18
N ALA E 43 43.56 6.22 24.96
CA ALA E 43 43.54 5.19 25.99
C ALA E 43 42.42 5.41 27.02
N SER E 44 41.51 6.34 26.76
CA SER E 44 40.42 6.58 27.70
C SER E 44 39.38 5.45 27.65
N GLY E 45 39.24 4.78 26.52
CA GLY E 45 38.37 3.62 26.44
C GLY E 45 37.30 3.72 25.37
N LYS E 46 37.51 4.61 24.40
CA LYS E 46 36.51 4.84 23.35
C LYS E 46 36.27 3.59 22.52
N SER E 47 37.33 2.99 21.99
CA SER E 47 37.15 1.87 21.08
C SER E 47 36.63 0.64 21.81
N THR E 48 37.13 0.38 23.03
CA THR E 48 36.69 -0.78 23.79
C THR E 48 35.19 -0.74 24.04
N ILE E 49 34.66 0.42 24.39
CA ILE E 49 33.23 0.55 24.65
C ILE E 49 32.44 0.47 23.35
N ALA E 50 32.97 1.05 22.27
CA ALA E 50 32.24 1.14 21.00
C ALA E 50 31.93 -0.24 20.43
N THR E 51 32.91 -1.13 20.40
CA THR E 51 32.67 -2.47 19.87
C THR E 51 31.74 -3.26 20.79
N ALA E 52 31.84 -3.05 22.10
CA ALA E 52 30.97 -3.76 23.03
C ALA E 52 29.53 -3.25 22.92
N LEU E 53 29.37 -1.93 22.83
CA LEU E 53 28.04 -1.37 22.61
C LEU E 53 27.48 -1.84 21.28
N GLU E 54 28.31 -1.81 20.23
CA GLU E 54 27.86 -2.29 18.92
C GLU E 54 27.38 -3.73 18.97
N GLN E 55 28.12 -4.60 19.66
CA GLN E 55 27.70 -6.00 19.80
C GLN E 55 26.41 -6.13 20.59
N HIS E 56 26.26 -5.38 21.67
CA HIS E 56 25.04 -5.48 22.47
C HIS E 56 23.82 -5.09 21.65
N LEU E 57 23.93 -3.98 20.91
CA LEU E 57 22.82 -3.50 20.09
C LEU E 57 22.48 -4.49 18.98
N LEU E 58 23.51 -5.13 18.39
CA LEU E 58 23.25 -6.15 17.37
C LEU E 58 22.55 -7.37 17.97
N HIS E 59 22.86 -7.75 19.21
CA HIS E 59 22.15 -8.87 19.82
C HIS E 59 20.68 -8.55 19.99
N LYS E 60 20.35 -7.28 20.15
CA LYS E 60 18.98 -6.81 20.24
C LYS E 60 18.36 -6.56 18.87
N LYS E 61 18.99 -7.07 17.80
CA LYS E 61 18.48 -6.96 16.43
C LYS E 61 18.42 -5.51 15.96
N LEU E 62 19.32 -4.67 16.44
CA LEU E 62 19.34 -3.28 16.06
C LEU E 62 20.53 -3.01 15.14
N HIS E 63 20.29 -2.26 14.07
CA HIS E 63 21.41 -1.84 13.22
C HIS E 63 22.26 -0.83 13.96
N ALA E 64 23.53 -1.16 14.17
CA ALA E 64 24.50 -0.26 14.77
C ALA E 64 25.82 -0.44 14.03
N TYR E 65 26.56 0.65 13.85
CA TYR E 65 27.79 0.58 13.08
C TYR E 65 28.82 1.51 13.71
N ARG E 66 30.03 0.98 13.90
CA ARG E 66 31.10 1.73 14.51
C ARG E 66 31.94 2.39 13.42
N LEU E 67 32.18 3.68 13.59
CA LEU E 67 33.15 4.40 12.79
C LEU E 67 34.32 4.71 13.71
N ASP E 68 35.51 4.27 13.31
CA ASP E 68 36.75 4.55 14.04
C ASP E 68 37.90 4.56 13.03
N GLY E 69 39.13 4.59 13.54
CA GLY E 69 40.29 4.70 12.68
C GLY E 69 40.47 3.50 11.77
N ASP E 70 40.04 2.32 12.23
CA ASP E 70 40.26 1.10 11.47
C ASP E 70 39.53 1.12 10.12
N ASN E 71 38.28 1.60 10.08
CA ASN E 71 37.56 1.57 8.81
C ASN E 71 37.44 2.93 8.14
N ILE E 72 37.98 4.01 8.72
CA ILE E 72 37.98 5.33 8.11
C ILE E 72 39.38 5.74 7.65
N ARG E 73 40.41 5.48 8.46
CA ARG E 73 41.68 6.16 8.26
C ARG E 73 42.29 5.85 6.91
N PHE E 74 42.29 4.58 6.50
CA PHE E 74 42.94 4.13 5.28
C PHE E 74 41.97 3.87 4.14
N GLY E 75 40.72 4.30 4.25
CA GLY E 75 39.82 4.20 3.14
C GLY E 75 39.38 5.58 2.70
N LEU E 76 38.23 6.01 3.21
CA LEU E 76 37.69 7.31 2.85
C LEU E 76 38.71 8.44 3.06
N ASN E 77 39.43 8.41 4.19
CA ASN E 77 40.31 9.52 4.56
C ASN E 77 41.80 9.23 4.36
N LYS E 78 42.14 8.28 3.48
CA LYS E 78 43.54 7.93 3.26
C LYS E 78 44.32 9.06 2.60
N ASP E 79 43.61 10.03 2.01
CA ASP E 79 44.26 11.17 1.39
C ASP E 79 44.76 12.17 2.43
N LEU E 80 44.33 12.05 3.68
CA LEU E 80 44.60 13.06 4.70
C LEU E 80 45.91 12.80 5.45
N GLY E 81 46.64 13.87 5.75
CA GLY E 81 47.87 13.78 6.48
C GLY E 81 47.68 13.97 7.97
N PHE E 82 48.73 14.46 8.62
CA PHE E 82 48.73 14.62 10.07
C PHE E 82 48.84 16.07 10.50
N ASP E 83 48.84 17.01 9.56
CA ASP E 83 48.83 18.43 9.84
C ASP E 83 47.48 18.84 10.43
N GLN E 84 47.45 20.07 10.97
CA GLN E 84 46.25 20.59 11.61
C GLN E 84 45.08 20.62 10.63
N ALA E 85 45.32 21.05 9.38
CA ALA E 85 44.27 21.15 8.39
C ALA E 85 43.63 19.80 8.09
N SER E 86 44.46 18.76 7.96
CA SER E 86 43.95 17.40 7.78
C SER E 86 43.10 16.96 8.97
N ARG E 87 43.57 17.25 10.18
CA ARG E 87 42.84 16.79 11.36
C ARG E 87 41.43 17.39 11.40
N VAL E 88 41.33 18.67 11.08
CA VAL E 88 40.03 19.32 11.00
C VAL E 88 39.17 18.67 9.94
N GLU E 89 39.76 18.41 8.76
CA GLU E 89 38.99 17.81 7.68
C GLU E 89 38.61 16.37 8.00
N ASN E 90 39.46 15.64 8.73
CA ASN E 90 39.14 14.27 9.16
C ASN E 90 37.84 14.22 9.96
N ILE E 91 37.71 15.08 10.96
CA ILE E 91 36.52 15.10 11.81
C ILE E 91 35.29 15.55 11.02
N ARG E 92 35.45 16.55 10.13
CA ARG E 92 34.31 17.01 9.33
C ARG E 92 33.64 15.86 8.58
N ARG E 93 34.44 15.07 7.86
CA ARG E 93 33.89 13.98 7.05
C ARG E 93 33.23 12.90 7.91
N ILE E 94 33.80 12.61 9.08
CA ILE E 94 33.19 11.63 9.97
C ILE E 94 31.82 12.10 10.44
N GLY E 95 31.68 13.42 10.66
CA GLY E 95 30.39 13.96 11.00
C GLY E 95 29.35 13.74 9.91
N GLU E 96 29.75 13.99 8.65
CA GLU E 96 28.83 13.77 7.54
C GLU E 96 28.51 12.29 7.41
N VAL E 97 29.53 11.44 7.48
CA VAL E 97 29.30 10.01 7.30
C VAL E 97 28.46 9.46 8.45
N SER E 98 28.71 9.92 9.68
CA SER E 98 27.86 9.47 10.79
C SER E 98 26.42 9.88 10.57
N LEU E 99 26.21 11.08 10.02
CA LEU E 99 24.85 11.52 9.72
C LEU E 99 24.16 10.60 8.73
N LEU E 100 24.87 10.21 7.67
CA LEU E 100 24.28 9.30 6.67
C LEU E 100 23.79 8.01 7.32
N PHE E 101 24.63 7.39 8.13
CA PHE E 101 24.23 6.16 8.81
C PHE E 101 23.03 6.41 9.70
N ALA E 102 23.02 7.53 10.43
CA ALA E 102 21.85 7.84 11.26
C ALA E 102 20.59 8.02 10.41
N LEU E 103 20.72 8.70 9.27
CA LEU E 103 19.59 8.87 8.35
C LEU E 103 19.11 7.53 7.82
N SER E 104 19.98 6.52 7.80
CA SER E 104 19.65 5.17 7.37
C SER E 104 18.99 4.36 8.48
N SER E 105 18.57 5.01 9.57
CA SER E 105 17.98 4.34 10.73
C SER E 105 18.97 3.38 11.40
N THR E 106 20.20 3.83 11.56
CA THR E 106 21.24 3.06 12.21
C THR E 106 21.76 3.81 13.43
N ILE E 107 22.14 3.08 14.47
CA ILE E 107 22.83 3.72 15.57
C ILE E 107 24.31 3.85 15.18
N SER E 108 24.74 5.06 14.86
CA SER E 108 26.11 5.31 14.45
C SER E 108 26.92 5.65 15.69
N VAL E 109 27.98 4.88 15.94
CA VAL E 109 28.87 5.09 17.09
C VAL E 109 30.22 5.50 16.55
N THR E 110 30.66 6.73 16.85
CA THR E 110 31.96 7.23 16.41
C THR E 110 32.94 7.22 17.56
N ALA E 111 34.19 6.82 17.28
CA ALA E 111 35.19 6.59 18.33
C ALA E 111 36.50 7.31 18.01
N PHE E 112 36.45 8.64 17.88
CA PHE E 112 37.65 9.44 17.64
C PHE E 112 37.88 10.38 18.82
N ILE E 113 39.17 10.69 19.06
CA ILE E 113 39.53 11.58 20.16
C ILE E 113 38.74 12.87 20.07
N SER E 114 38.61 13.43 18.87
CA SER E 114 37.87 14.65 18.57
C SER E 114 38.12 15.74 19.63
N PRO E 115 39.35 16.24 19.73
CA PRO E 115 39.71 17.06 20.90
C PRO E 115 39.13 18.48 20.91
N TYR E 116 38.75 19.06 19.77
CA TYR E 116 38.41 20.48 19.71
C TYR E 116 36.90 20.68 19.82
N ILE E 117 36.50 21.64 20.66
CA ILE E 117 35.09 21.93 20.85
C ILE E 117 34.44 22.29 19.52
N SER E 118 35.13 23.09 18.70
CA SER E 118 34.54 23.60 17.46
C SER E 118 34.21 22.49 16.47
N ASP E 119 35.12 21.52 16.30
CA ASP E 119 34.86 20.43 15.36
C ASP E 119 33.67 19.60 15.80
N ARG E 120 33.62 19.23 17.08
CA ARG E 120 32.49 18.46 17.61
C ARG E 120 31.18 19.23 17.48
N GLN E 121 31.22 20.55 17.65
CA GLN E 121 30.03 21.37 17.54
C GLN E 121 29.52 21.40 16.10
N LEU E 122 30.45 21.40 15.13
CA LEU E 122 30.04 21.35 13.73
C LEU E 122 29.41 19.99 13.40
N ALA E 123 29.98 18.90 13.92
CA ALA E 123 29.35 17.60 13.78
C ALA E 123 27.96 17.57 14.42
N ARG E 124 27.85 18.13 15.63
CA ARG E 124 26.56 18.15 16.32
C ARG E 124 25.50 18.87 15.49
N GLU E 125 25.85 20.01 14.91
CA GLU E 125 24.86 20.83 14.23
C GLU E 125 24.41 20.22 12.92
N LEU E 126 25.26 19.43 12.26
CA LEU E 126 24.83 18.68 11.09
C LEU E 126 23.61 17.83 11.41
N HIS E 127 23.56 17.28 12.63
CA HIS E 127 22.41 16.48 13.05
C HIS E 127 21.28 17.38 13.53
N GLU E 128 21.59 18.35 14.41
CA GLU E 128 20.55 19.12 15.09
C GLU E 128 19.88 20.14 14.16
N LYS E 129 20.56 20.58 13.11
CA LYS E 129 19.94 21.50 12.16
C LYS E 129 19.40 20.80 10.91
N HIS E 130 19.52 19.48 10.83
CA HIS E 130 19.01 18.74 9.69
C HIS E 130 17.49 18.85 9.61
N SER E 131 16.97 18.85 8.37
CA SER E 131 15.54 19.09 8.09
C SER E 131 14.63 18.35 9.06
N SER E 132 14.84 17.05 9.20
CA SER E 132 14.31 16.29 10.32
C SER E 132 15.44 16.21 11.34
N ALA E 133 15.22 16.79 12.51
CA ALA E 133 16.30 16.87 13.48
C ALA E 133 16.74 15.47 13.87
N ILE E 134 18.03 15.28 13.96
CA ILE E 134 18.62 13.97 14.26
C ILE E 134 19.33 14.08 15.61
N PRO E 135 19.03 13.22 16.58
CA PRO E 135 19.72 13.33 17.87
C PRO E 135 21.21 13.04 17.75
N PHE E 136 22.01 13.85 18.43
CA PHE E 136 23.46 13.71 18.51
C PHE E 136 23.80 13.56 19.98
N ILE E 137 24.33 12.40 20.35
CA ILE E 137 24.53 12.04 21.75
C ILE E 137 26.03 12.06 22.03
N GLU E 138 26.49 13.16 22.60
CA GLU E 138 27.90 13.37 22.85
C GLU E 138 28.30 12.70 24.15
N VAL E 139 29.28 11.80 24.08
CA VAL E 139 29.68 11.03 25.24
C VAL E 139 31.09 11.42 25.61
N PHE E 140 31.23 12.10 26.76
CA PHE E 140 32.52 12.46 27.33
C PHE E 140 33.09 11.23 28.03
N ILE E 141 34.04 10.57 27.37
CA ILE E 141 34.77 9.45 27.97
C ILE E 141 35.94 10.05 28.72
N ASP E 142 35.78 10.20 30.03
CA ASP E 142 36.67 11.03 30.83
C ASP E 142 37.47 10.13 31.76
N ALA E 143 38.79 10.10 31.55
CA ALA E 143 39.70 9.49 32.50
C ALA E 143 40.83 10.46 32.80
N PRO E 144 41.30 10.51 34.04
CA PRO E 144 42.40 11.40 34.39
C PRO E 144 43.68 11.04 33.66
N LEU E 145 44.59 12.02 33.58
CA LEU E 145 45.86 11.80 32.90
C LEU E 145 46.64 10.65 33.51
N SER E 146 46.58 10.52 34.85
CA SER E 146 47.28 9.41 35.49
C SER E 146 46.75 8.06 35.04
N VAL E 147 45.43 7.95 34.85
CA VAL E 147 44.85 6.66 34.47
C VAL E 147 45.20 6.32 33.03
N VAL E 148 45.07 7.28 32.11
CA VAL E 148 45.38 6.99 30.72
C VAL E 148 46.88 6.82 30.55
N GLU E 149 47.68 7.49 31.38
CA GLU E 149 49.10 7.21 31.37
C GLU E 149 49.36 5.82 31.95
N GLN E 150 48.58 5.43 32.97
CA GLN E 150 48.71 4.09 33.53
C GLN E 150 48.20 3.03 32.56
N ARG E 151 47.15 3.34 31.79
CA ARG E 151 46.65 2.38 30.80
C ARG E 151 47.66 2.17 29.69
N ASP E 152 47.92 3.23 28.92
CA ASP E 152 48.92 3.28 27.85
C ASP E 152 49.04 1.97 27.05
N PRO E 153 47.95 1.47 26.48
CA PRO E 153 48.00 0.14 25.84
C PRO E 153 48.88 0.12 24.61
N LYS E 154 49.35 1.27 24.15
CA LYS E 154 50.26 1.35 23.03
C LYS E 154 51.57 2.04 23.40
N GLY E 155 51.78 2.37 24.67
CA GLY E 155 53.01 3.03 25.06
C GLY E 155 53.15 4.44 24.55
N LEU E 156 52.09 5.02 23.99
CA LEU E 156 52.20 6.33 23.36
C LEU E 156 52.47 7.40 24.39
N TYR E 157 51.86 7.28 25.56
CA TYR E 157 52.05 8.28 26.61
C TYR E 157 53.47 8.22 27.16
N LYS E 158 54.04 7.01 27.28
CA LYS E 158 55.41 6.88 27.74
C LYS E 158 56.38 7.59 26.80
N LYS E 159 56.10 7.55 25.50
CA LYS E 159 56.89 8.26 24.49
C LYS E 159 56.73 9.78 24.61
N ALA E 160 57.25 10.36 25.68
CA ALA E 160 57.26 11.82 25.84
C ALA E 160 58.68 12.33 25.67
N GLU E 164 59.39 12.78 20.99
CA GLU E 164 59.39 11.46 20.35
C GLU E 164 58.16 11.33 19.43
N ILE E 165 57.07 11.97 19.87
CA ILE E 165 55.86 12.15 19.06
C ILE E 165 55.32 13.52 19.42
N LYS E 166 54.97 14.32 18.42
CA LYS E 166 54.61 15.71 18.64
C LYS E 166 53.10 15.91 18.58
N ASP E 167 52.64 16.99 19.22
CA ASP E 167 51.25 17.42 19.20
C ASP E 167 50.28 16.32 19.58
N PHE E 168 50.57 15.67 20.72
CA PHE E 168 49.76 14.57 21.21
C PHE E 168 48.73 15.15 22.16
N THR E 169 47.45 14.88 21.91
CA THR E 169 46.40 15.48 22.72
C THR E 169 46.63 15.24 24.22
N GLY E 170 46.62 16.33 24.99
CA GLY E 170 46.79 16.31 26.42
C GLY E 170 48.21 16.47 26.92
N ILE E 171 49.21 16.25 26.08
CA ILE E 171 50.63 16.35 26.47
C ILE E 171 51.30 17.50 25.74
N SER E 172 51.27 17.49 24.42
CA SER E 172 51.84 18.56 23.61
C SER E 172 50.79 19.21 22.73
N ALA E 173 49.53 18.83 22.89
CA ALA E 173 48.39 19.45 22.23
C ALA E 173 47.25 19.48 23.24
N PRO E 174 46.31 20.40 23.09
CA PRO E 174 45.25 20.55 24.09
C PRO E 174 44.08 19.59 23.87
N TYR E 175 43.42 19.23 24.98
CA TYR E 175 42.11 18.58 24.93
C TYR E 175 41.05 19.52 25.52
N GLU E 176 39.94 19.67 24.80
CA GLU E 176 38.82 20.54 25.18
C GLU E 176 37.63 19.70 25.64
N ALA E 177 37.40 19.68 26.96
CA ALA E 177 36.29 18.88 27.49
C ALA E 177 34.95 19.50 27.12
N PRO E 178 33.93 18.67 26.83
CA PRO E 178 32.61 19.21 26.52
C PRO E 178 31.96 19.90 27.72
N ALA E 179 31.23 20.98 27.43
CA ALA E 179 30.63 21.77 28.50
C ALA E 179 29.38 21.12 29.08
N ASN E 180 28.63 20.40 28.27
CA ASN E 180 27.38 19.80 28.74
C ASN E 180 27.05 18.60 27.88
N PRO E 181 27.80 17.50 27.95
CA PRO E 181 27.54 16.36 27.08
C PRO E 181 26.26 15.64 27.49
N GLU E 182 25.75 14.83 26.56
CA GLU E 182 24.59 14.00 26.87
C GLU E 182 24.92 12.97 27.94
N ILE E 183 26.10 12.37 27.84
CA ILE E 183 26.55 11.36 28.80
C ILE E 183 27.98 11.71 29.19
N HIS E 184 28.28 11.57 30.48
CA HIS E 184 29.61 11.81 31.02
C HIS E 184 30.01 10.56 31.78
N ILE E 185 31.04 9.85 31.31
CA ILE E 185 31.43 8.56 31.85
C ILE E 185 32.89 8.60 32.30
N ARG E 186 33.12 8.26 33.57
CA ARG E 186 34.46 8.14 34.15
C ARG E 186 34.94 6.69 34.09
N THR E 187 35.88 6.41 33.20
CA THR E 187 36.34 5.05 32.99
C THR E 187 37.22 4.52 34.11
N ASP E 188 37.57 5.36 35.09
CA ASP E 188 38.23 4.89 36.30
C ASP E 188 37.25 4.53 37.41
N GLU E 189 35.96 4.86 37.25
CA GLU E 189 34.95 4.55 38.25
C GLU E 189 33.89 3.56 37.75
N VAL E 190 33.85 3.29 36.45
CA VAL E 190 32.90 2.36 35.86
C VAL E 190 33.69 1.40 34.97
N ASP E 191 33.31 0.12 34.99
CA ASP E 191 33.98 -0.83 34.12
C ASP E 191 33.38 -0.74 32.71
N VAL E 192 33.84 -1.60 31.81
CA VAL E 192 33.36 -1.55 30.43
C VAL E 192 31.88 -1.88 30.38
N ALA E 193 31.47 -2.93 31.08
CA ALA E 193 30.06 -3.34 31.07
C ALA E 193 29.15 -2.26 31.63
N GLY E 194 29.55 -1.61 32.71
CA GLY E 194 28.73 -0.56 33.30
C GLY E 194 28.59 0.65 32.40
N ALA E 195 29.63 0.97 31.64
CA ALA E 195 29.55 2.08 30.71
C ALA E 195 28.54 1.82 29.61
N VAL E 196 28.53 0.60 29.07
CA VAL E 196 27.58 0.25 28.00
C VAL E 196 26.14 0.37 28.49
N GLU E 197 25.85 -0.11 29.71
CA GLU E 197 24.50 0.00 30.24
C GLU E 197 24.09 1.46 30.35
N ILE E 198 25.02 2.32 30.77
CA ILE E 198 24.71 3.74 30.87
C ILE E 198 24.29 4.29 29.52
N ILE E 199 25.06 3.99 28.47
CA ILE E 199 24.73 4.48 27.13
C ILE E 199 23.41 3.89 26.65
N THR E 200 23.24 2.58 26.85
CA THR E 200 22.03 1.89 26.39
C THR E 200 20.78 2.43 27.08
N LYS E 201 20.88 2.72 28.38
CA LYS E 201 19.71 3.24 29.10
C LYS E 201 19.28 4.60 28.57
N TYR E 202 20.25 5.45 28.20
CA TYR E 202 19.91 6.75 27.63
C TYR E 202 19.16 6.60 26.30
N LEU E 203 19.60 5.68 25.46
CA LEU E 203 18.93 5.46 24.16
C LEU E 203 17.48 5.03 24.35
N ALA E 204 17.25 4.02 25.20
CA ALA E 204 15.89 3.53 25.45
C ALA E 204 15.06 4.58 26.17
N ASP E 205 15.65 5.28 27.14
CA ASP E 205 14.93 6.32 27.87
C ASP E 205 14.48 7.45 26.96
N ASN E 206 15.10 7.59 25.79
CA ASN E 206 14.79 8.64 24.84
C ASN E 206 14.12 8.11 23.58
N GLY E 207 13.51 6.92 23.65
CA GLY E 207 12.78 6.39 22.52
C GLY E 207 13.64 5.99 21.34
N LEU E 208 14.96 5.94 21.50
CA LEU E 208 15.84 5.67 20.38
C LEU E 208 16.07 4.20 20.13
N ILE E 209 15.85 3.35 21.13
CA ILE E 209 15.91 1.90 20.95
C ILE E 209 14.75 1.26 21.68
N PRO E 210 14.29 0.08 21.19
CA PRO E 210 13.20 -0.64 21.85
C PRO E 210 13.60 -1.16 23.23
N ILE F 13 1.42 -5.69 -12.12
CA ILE F 13 0.33 -4.76 -12.38
C ILE F 13 -0.58 -4.68 -11.15
N THR F 14 -0.33 -3.67 -10.32
CA THR F 14 -1.00 -3.54 -9.05
C THR F 14 -2.20 -2.61 -9.15
N PHE F 15 -3.31 -3.01 -8.52
CA PHE F 15 -4.53 -2.23 -8.36
C PHE F 15 -5.43 -2.99 -7.39
N HIS F 16 -6.21 -2.25 -6.61
CA HIS F 16 -7.23 -2.88 -5.78
C HIS F 16 -8.57 -2.94 -6.52
N PRO F 17 -9.48 -3.82 -6.11
CA PRO F 17 -10.80 -3.84 -6.75
C PRO F 17 -11.45 -2.48 -6.58
N GLY F 18 -12.35 -2.16 -7.50
CA GLY F 18 -13.07 -0.91 -7.41
C GLY F 18 -12.24 0.26 -7.90
N ALA F 19 -12.82 1.45 -7.73
CA ALA F 19 -12.23 2.67 -8.24
C ALA F 19 -11.19 3.25 -7.29
N VAL F 20 -10.24 3.97 -7.88
CA VAL F 20 -9.28 4.76 -7.14
C VAL F 20 -10.04 5.71 -6.23
N THR F 21 -9.52 5.93 -5.03
CA THR F 21 -10.11 6.94 -4.15
C THR F 21 -9.58 8.32 -4.51
N GLN F 22 -10.23 9.36 -3.99
CA GLN F 22 -9.80 10.71 -4.31
C GLN F 22 -8.41 11.00 -3.72
N ASP F 23 -8.18 10.61 -2.45
CA ASP F 23 -6.85 10.80 -1.87
C ASP F 23 -5.80 9.96 -2.58
N GLU F 24 -6.16 8.73 -2.97
CA GLU F 24 -5.24 7.90 -3.75
C GLU F 24 -4.87 8.60 -5.05
N ARG F 25 -5.85 9.14 -5.76
CA ARG F 25 -5.57 9.82 -7.02
C ARG F 25 -4.72 11.06 -6.78
N ASP F 26 -5.13 11.91 -5.83
CA ASP F 26 -4.36 13.10 -5.51
C ASP F 26 -2.94 12.75 -5.09
N THR F 27 -2.77 11.69 -4.29
CA THR F 27 -1.42 11.31 -3.85
C THR F 27 -0.60 10.82 -5.04
N LEU F 28 -1.19 9.97 -5.87
CA LEU F 28 -0.47 9.42 -7.02
C LEU F 28 -0.10 10.50 -8.05
N LEU F 29 -0.99 11.47 -8.28
CA LEU F 29 -0.70 12.50 -9.28
C LEU F 29 0.00 13.72 -8.70
N GLY F 30 0.22 13.76 -7.38
CA GLY F 30 0.95 14.85 -6.75
C GLY F 30 0.28 16.20 -6.91
N GLN F 31 -1.04 16.23 -7.03
CA GLN F 31 -1.76 17.46 -7.29
C GLN F 31 -3.22 17.25 -6.93
N LYS F 32 -3.85 18.29 -6.39
CA LYS F 32 -5.26 18.26 -6.03
C LYS F 32 -6.09 19.02 -7.05
N GLY F 33 -7.27 18.48 -7.35
CA GLY F 33 -8.20 19.14 -8.24
C GLY F 33 -9.12 20.10 -7.50
N CYS F 34 -9.61 21.09 -8.24
CA CYS F 34 -10.57 22.07 -7.73
C CYS F 34 -11.20 22.77 -8.92
N THR F 35 -12.18 23.62 -8.65
CA THR F 35 -12.74 24.47 -9.70
C THR F 35 -12.51 25.94 -9.39
N VAL F 36 -11.91 26.64 -10.35
CA VAL F 36 -11.76 28.08 -10.32
C VAL F 36 -12.85 28.64 -11.23
N TRP F 37 -13.89 29.22 -10.62
CA TRP F 37 -15.07 29.68 -11.34
C TRP F 37 -14.99 31.20 -11.51
N LEU F 38 -14.64 31.65 -12.71
CA LEU F 38 -14.62 33.08 -12.97
C LEU F 38 -16.04 33.55 -13.28
N THR F 39 -16.39 34.72 -12.76
CA THR F 39 -17.67 35.33 -13.08
C THR F 39 -17.47 36.83 -13.22
N GLY F 40 -18.17 37.43 -14.17
CA GLY F 40 -18.02 38.84 -14.41
C GLY F 40 -18.62 39.22 -15.74
N LEU F 41 -18.73 40.54 -15.93
CA LEU F 41 -19.29 41.09 -17.15
C LEU F 41 -18.47 40.68 -18.36
N SER F 42 -19.12 40.69 -19.52
CA SER F 42 -18.39 40.55 -20.77
C SER F 42 -17.32 41.63 -20.87
N ALA F 43 -16.16 41.24 -21.40
CA ALA F 43 -14.98 42.10 -21.57
C ALA F 43 -14.34 42.52 -20.26
N SER F 44 -14.79 41.99 -19.12
CA SER F 44 -14.14 42.31 -17.85
C SER F 44 -12.78 41.63 -17.73
N GLY F 45 -12.57 40.52 -18.44
CA GLY F 45 -11.25 39.91 -18.52
C GLY F 45 -11.15 38.45 -18.13
N LYS F 46 -12.28 37.74 -18.12
CA LYS F 46 -12.27 36.36 -17.66
C LYS F 46 -11.40 35.49 -18.57
N SER F 47 -11.63 35.55 -19.89
CA SER F 47 -10.86 34.68 -20.79
CA SER F 47 -10.87 34.69 -20.79
C SER F 47 -9.39 35.06 -20.81
N THR F 48 -9.10 36.36 -20.79
CA THR F 48 -7.71 36.81 -20.80
C THR F 48 -6.95 36.26 -19.59
N ILE F 49 -7.56 36.33 -18.41
CA ILE F 49 -6.92 35.77 -17.22
C ILE F 49 -6.91 34.24 -17.28
N ALA F 50 -7.98 33.64 -17.83
CA ALA F 50 -8.07 32.18 -17.88
C ALA F 50 -6.95 31.57 -18.72
N THR F 51 -6.70 32.11 -19.93
CA THR F 51 -5.65 31.53 -20.76
C THR F 51 -4.28 31.80 -20.16
N ALA F 52 -4.12 32.96 -19.50
CA ALA F 52 -2.84 33.28 -18.88
C ALA F 52 -2.60 32.41 -17.66
N LEU F 53 -3.62 32.24 -16.80
CA LEU F 53 -3.48 31.37 -15.64
C LEU F 53 -3.23 29.93 -16.05
N GLU F 54 -3.94 29.45 -17.07
CA GLU F 54 -3.75 28.08 -17.50
C GLU F 54 -2.29 27.83 -17.91
N GLN F 55 -1.71 28.74 -18.68
CA GLN F 55 -0.31 28.57 -19.06
C GLN F 55 0.61 28.60 -17.86
N HIS F 56 0.36 29.51 -16.90
CA HIS F 56 1.20 29.58 -15.72
C HIS F 56 1.21 28.25 -14.96
N LEU F 57 0.03 27.65 -14.78
CA LEU F 57 -0.07 26.37 -14.10
C LEU F 57 0.62 25.26 -14.89
N LEU F 58 0.50 25.28 -16.21
CA LEU F 58 1.17 24.28 -17.05
C LEU F 58 2.69 24.38 -16.92
N HIS F 59 3.20 25.60 -16.79
CA HIS F 59 4.63 25.78 -16.57
C HIS F 59 5.08 25.19 -15.24
N LYS F 60 4.16 25.12 -14.26
CA LYS F 60 4.43 24.52 -12.97
C LYS F 60 4.20 23.02 -12.95
N LYS F 61 4.04 22.39 -14.12
CA LYS F 61 3.86 20.94 -14.21
C LYS F 61 2.55 20.47 -13.53
N LEU F 62 1.53 21.32 -13.50
CA LEU F 62 0.23 20.97 -12.95
C LEU F 62 -0.79 20.85 -14.07
N HIS F 63 -1.64 19.83 -13.99
CA HIS F 63 -2.74 19.71 -14.95
C HIS F 63 -3.79 20.78 -14.69
N ALA F 64 -4.06 21.60 -15.71
CA ALA F 64 -5.06 22.64 -15.62
C ALA F 64 -5.78 22.74 -16.95
N TYR F 65 -7.09 23.00 -16.91
CA TYR F 65 -7.88 23.02 -18.13
C TYR F 65 -8.95 24.10 -18.05
N ARG F 66 -9.00 24.94 -19.08
CA ARG F 66 -9.95 26.04 -19.20
C ARG F 66 -11.21 25.56 -19.90
N LEU F 67 -12.36 25.89 -19.33
CA LEU F 67 -13.65 25.67 -19.98
C LEU F 67 -14.23 27.04 -20.34
N ASP F 68 -14.45 27.26 -21.64
CA ASP F 68 -15.13 28.50 -22.07
C ASP F 68 -15.88 28.20 -23.37
N GLY F 69 -16.39 29.25 -24.01
CA GLY F 69 -17.26 29.06 -25.14
C GLY F 69 -16.59 28.33 -26.28
N ASP F 70 -15.29 28.56 -26.47
CA ASP F 70 -14.58 27.97 -27.59
C ASP F 70 -14.59 26.44 -27.54
N ASN F 71 -14.53 25.85 -26.35
CA ASN F 71 -14.53 24.38 -26.32
C ASN F 71 -15.83 23.76 -25.81
N ILE F 72 -16.81 24.56 -25.38
CA ILE F 72 -18.07 24.04 -24.84
C ILE F 72 -19.25 24.34 -25.77
N ARG F 73 -19.31 25.56 -26.32
CA ARG F 73 -20.55 26.06 -26.90
C ARG F 73 -21.00 25.24 -28.10
N PHE F 74 -20.08 24.89 -28.99
CA PHE F 74 -20.38 24.18 -30.22
C PHE F 74 -20.10 22.68 -30.15
N GLY F 75 -19.78 22.16 -28.98
CA GLY F 75 -19.60 20.74 -28.81
C GLY F 75 -20.62 20.16 -27.84
N LEU F 76 -20.25 20.00 -26.57
CA LEU F 76 -21.19 19.43 -25.61
C LEU F 76 -22.53 20.15 -25.62
N ASN F 77 -22.52 21.48 -25.69
CA ASN F 77 -23.73 22.27 -25.52
C ASN F 77 -24.26 22.84 -26.84
N LYS F 78 -23.90 22.22 -27.97
CA LYS F 78 -24.36 22.73 -29.24
C LYS F 78 -25.87 22.64 -29.40
N ASP F 79 -26.54 21.83 -28.57
CA ASP F 79 -27.98 21.69 -28.66
C ASP F 79 -28.72 22.87 -28.03
N LEU F 80 -28.02 23.70 -27.27
CA LEU F 80 -28.64 24.77 -26.49
C LEU F 80 -28.71 26.04 -27.31
N GLY F 81 -29.80 26.77 -27.14
CA GLY F 81 -30.03 28.04 -27.79
C GLY F 81 -29.65 29.20 -26.90
N PHE F 82 -30.33 30.31 -27.07
CA PHE F 82 -29.99 31.55 -26.35
C PHE F 82 -31.11 32.03 -25.43
N ASP F 83 -32.18 31.24 -25.33
CA ASP F 83 -33.30 31.50 -24.44
C ASP F 83 -32.90 31.30 -22.97
N GLN F 84 -33.75 31.80 -22.09
CA GLN F 84 -33.44 31.79 -20.67
C GLN F 84 -33.21 30.37 -20.16
N ALA F 85 -34.04 29.41 -20.61
CA ALA F 85 -33.89 28.02 -20.18
C ALA F 85 -32.58 27.42 -20.66
N SER F 86 -32.18 27.70 -21.89
CA SER F 86 -30.90 27.22 -22.41
C SER F 86 -29.74 27.77 -21.58
N ARG F 87 -29.81 29.05 -21.23
CA ARG F 87 -28.72 29.65 -20.46
C ARG F 87 -28.55 28.96 -19.11
N VAL F 88 -29.65 28.65 -18.44
CA VAL F 88 -29.62 27.94 -17.16
C VAL F 88 -29.01 26.54 -17.34
N GLU F 89 -29.49 25.80 -18.34
CA GLU F 89 -28.95 24.46 -18.57
C GLU F 89 -27.49 24.52 -19.00
N ASN F 90 -27.09 25.58 -19.71
CA ASN F 90 -25.70 25.75 -20.09
C ASN F 90 -24.79 25.79 -18.86
N ILE F 91 -25.13 26.64 -17.88
CA ILE F 91 -24.33 26.79 -16.66
C ILE F 91 -24.40 25.52 -15.83
N ARG F 92 -25.58 24.87 -15.79
CA ARG F 92 -25.68 23.60 -15.08
C ARG F 92 -24.68 22.59 -15.61
N ARG F 93 -24.64 22.41 -16.92
CA ARG F 93 -23.73 21.43 -17.52
C ARG F 93 -22.28 21.82 -17.29
N ILE F 94 -21.98 23.11 -17.39
CA ILE F 94 -20.62 23.56 -17.13
C ILE F 94 -20.23 23.21 -15.70
N GLY F 95 -21.16 23.39 -14.76
CA GLY F 95 -20.91 22.98 -13.38
C GLY F 95 -20.61 21.50 -13.25
N GLU F 96 -21.38 20.64 -13.93
CA GLU F 96 -21.09 19.21 -13.84
C GLU F 96 -19.75 18.88 -14.47
N VAL F 97 -19.46 19.45 -15.64
CA VAL F 97 -18.22 19.11 -16.32
C VAL F 97 -17.04 19.62 -15.50
N SER F 98 -17.18 20.79 -14.88
CA SER F 98 -16.10 21.34 -14.06
C SER F 98 -15.82 20.43 -12.86
N LEU F 99 -16.85 19.86 -12.26
CA LEU F 99 -16.64 18.91 -11.18
C LEU F 99 -15.84 17.69 -11.65
N LEU F 100 -16.19 17.14 -12.82
CA LEU F 100 -15.49 15.97 -13.35
C LEU F 100 -13.99 16.23 -13.49
N PHE F 101 -13.62 17.37 -14.06
CA PHE F 101 -12.20 17.68 -14.18
C PHE F 101 -11.54 17.77 -12.81
N ALA F 102 -12.19 18.45 -11.86
CA ALA F 102 -11.64 18.55 -10.51
C ALA F 102 -11.51 17.17 -9.87
N LEU F 103 -12.50 16.30 -10.09
CA LEU F 103 -12.40 14.92 -9.59
C LEU F 103 -11.23 14.19 -10.21
N SER F 104 -10.76 14.61 -11.37
CA SER F 104 -9.61 14.02 -12.04
C SER F 104 -8.28 14.60 -11.58
N SER F 105 -8.26 15.37 -10.49
CA SER F 105 -7.04 16.03 -10.01
C SER F 105 -6.51 17.03 -11.06
N THR F 106 -7.43 17.82 -11.61
CA THR F 106 -7.11 18.87 -12.54
C THR F 106 -7.60 20.18 -11.95
N ILE F 107 -6.87 21.27 -12.20
CA ILE F 107 -7.36 22.60 -11.88
C ILE F 107 -8.25 23.07 -13.04
N SER F 108 -9.55 23.12 -12.81
CA SER F 108 -10.54 23.48 -13.81
C SER F 108 -10.88 24.95 -13.70
N VAL F 109 -10.72 25.69 -14.80
CA VAL F 109 -10.96 27.13 -14.84
C VAL F 109 -12.12 27.39 -15.78
N THR F 110 -13.21 27.91 -15.23
CA THR F 110 -14.38 28.23 -16.03
C THR F 110 -14.42 29.75 -16.24
N ALA F 111 -14.78 30.16 -17.45
CA ALA F 111 -14.71 31.58 -17.81
C ALA F 111 -16.01 32.01 -18.48
N PHE F 112 -17.13 31.85 -17.78
CA PHE F 112 -18.42 32.27 -18.29
C PHE F 112 -18.97 33.41 -17.45
N ILE F 113 -19.75 34.29 -18.09
CA ILE F 113 -20.33 35.43 -17.38
C ILE F 113 -21.03 34.94 -16.11
N SER F 114 -21.80 33.85 -16.22
CA SER F 114 -22.55 33.26 -15.13
C SER F 114 -23.21 34.35 -14.28
N PRO F 115 -24.14 35.12 -14.86
CA PRO F 115 -24.59 36.37 -14.22
C PRO F 115 -25.47 36.19 -13.00
N TYR F 116 -26.14 35.05 -12.85
CA TYR F 116 -27.13 34.87 -11.81
C TYR F 116 -26.51 34.15 -10.63
N ILE F 117 -26.76 34.67 -9.42
CA ILE F 117 -26.26 34.06 -8.20
C ILE F 117 -26.74 32.63 -8.08
N SER F 118 -27.99 32.36 -8.43
CA SER F 118 -28.58 31.04 -8.27
C SER F 118 -27.82 29.98 -9.06
N ASP F 119 -27.42 30.32 -10.29
CA ASP F 119 -26.69 29.36 -11.13
C ASP F 119 -25.32 29.05 -10.56
N ARG F 120 -24.55 30.09 -10.20
CA ARG F 120 -23.25 29.87 -9.59
C ARG F 120 -23.37 29.12 -8.28
N GLN F 121 -24.46 29.34 -7.55
CA GLN F 121 -24.66 28.66 -6.27
C GLN F 121 -24.93 27.17 -6.48
N LEU F 122 -25.68 26.81 -7.53
CA LEU F 122 -25.91 25.40 -7.82
C LEU F 122 -24.61 24.71 -8.24
N ALA F 123 -23.79 25.38 -9.06
CA ALA F 123 -22.50 24.84 -9.39
C ALA F 123 -21.63 24.69 -8.15
N ARG F 124 -21.64 25.72 -7.29
CA ARG F 124 -20.87 25.65 -6.06
C ARG F 124 -21.32 24.45 -5.23
N GLU F 125 -22.63 24.19 -5.20
CA GLU F 125 -23.14 23.09 -4.38
C GLU F 125 -22.74 21.71 -4.91
N LEU F 126 -22.65 21.53 -6.24
CA LEU F 126 -22.14 20.27 -6.78
C LEU F 126 -20.77 19.92 -6.20
N HIS F 127 -19.91 20.94 -6.00
CA HIS F 127 -18.58 20.70 -5.46
C HIS F 127 -18.60 20.53 -3.95
N GLU F 128 -19.28 21.44 -3.22
CA GLU F 128 -19.19 21.46 -1.77
C GLU F 128 -19.98 20.33 -1.10
N LYS F 129 -21.03 19.83 -1.77
CA LYS F 129 -21.82 18.73 -1.21
C LYS F 129 -21.41 17.38 -1.78
N HIS F 130 -20.39 17.35 -2.62
CA HIS F 130 -19.86 16.10 -3.15
C HIS F 130 -19.31 15.23 -2.01
N SER F 131 -19.45 13.91 -2.16
CA SER F 131 -19.06 12.96 -1.11
C SER F 131 -17.72 13.32 -0.50
N SER F 132 -16.71 13.49 -1.34
CA SER F 132 -15.47 14.16 -0.96
C SER F 132 -15.57 15.60 -1.43
N ALA F 133 -15.56 16.54 -0.49
CA ALA F 133 -15.74 17.94 -0.83
C ALA F 133 -14.61 18.38 -1.74
N ILE F 134 -14.98 19.10 -2.80
CA ILE F 134 -14.05 19.60 -3.80
C ILE F 134 -14.08 21.11 -3.72
N PRO F 135 -12.94 21.78 -3.59
CA PRO F 135 -12.95 23.24 -3.45
C PRO F 135 -13.48 23.91 -4.70
N PHE F 136 -14.35 24.90 -4.48
CA PHE F 136 -14.97 25.71 -5.52
C PHE F 136 -14.56 27.15 -5.26
N ILE F 137 -13.76 27.71 -6.16
CA ILE F 137 -13.13 29.01 -5.94
C ILE F 137 -13.78 30.00 -6.91
N GLU F 138 -14.72 30.79 -6.40
CA GLU F 138 -15.44 31.76 -7.20
C GLU F 138 -14.65 33.05 -7.24
N VAL F 139 -14.28 33.48 -8.44
CA VAL F 139 -13.40 34.62 -8.65
C VAL F 139 -14.20 35.67 -9.38
N PHE F 140 -14.50 36.77 -8.70
CA PHE F 140 -15.25 37.85 -9.32
C PHE F 140 -14.31 38.70 -10.16
N ILE F 141 -14.41 38.58 -11.49
CA ILE F 141 -13.64 39.43 -12.39
C ILE F 141 -14.46 40.72 -12.57
N ASP F 142 -14.06 41.76 -11.85
CA ASP F 142 -14.90 42.93 -11.60
C ASP F 142 -14.31 44.16 -12.29
N ALA F 143 -15.00 44.64 -13.32
CA ALA F 143 -14.70 45.91 -13.98
C ALA F 143 -15.96 46.76 -14.09
N PRO F 144 -15.84 48.08 -13.93
CA PRO F 144 -17.03 48.94 -14.08
C PRO F 144 -17.58 48.87 -15.49
N LEU F 145 -18.88 49.12 -15.62
CA LEU F 145 -19.50 49.08 -16.95
C LEU F 145 -18.84 50.08 -17.90
N SER F 146 -18.51 51.28 -17.40
CA SER F 146 -17.84 52.25 -18.26
C SER F 146 -16.50 51.71 -18.73
N VAL F 147 -15.81 50.95 -17.87
CA VAL F 147 -14.51 50.42 -18.23
C VAL F 147 -14.66 49.31 -19.28
N VAL F 148 -15.59 48.38 -19.07
CA VAL F 148 -15.77 47.34 -20.08
C VAL F 148 -16.40 47.92 -21.33
N GLU F 149 -17.21 48.98 -21.20
CA GLU F 149 -17.69 49.68 -22.39
C GLU F 149 -16.55 50.38 -23.10
N GLN F 150 -15.56 50.86 -22.36
CA GLN F 150 -14.39 51.45 -22.99
C GLN F 150 -13.59 50.39 -23.74
N ARG F 151 -13.54 49.17 -23.21
CA ARG F 151 -12.87 48.06 -23.87
C ARG F 151 -13.62 47.62 -25.12
N ASP F 152 -14.82 47.07 -24.94
CA ASP F 152 -15.70 46.58 -26.00
C ASP F 152 -14.91 45.90 -27.12
N PRO F 153 -14.09 44.88 -26.80
CA PRO F 153 -13.18 44.33 -27.82
C PRO F 153 -13.88 43.60 -28.94
N LYS F 154 -15.17 43.32 -28.83
CA LYS F 154 -15.93 42.67 -29.89
C LYS F 154 -17.13 43.50 -30.32
N GLY F 155 -17.25 44.73 -29.83
CA GLY F 155 -18.36 45.62 -30.14
C GLY F 155 -19.69 45.29 -29.50
N LEU F 156 -19.71 44.42 -28.50
CA LEU F 156 -20.98 43.99 -27.94
C LEU F 156 -21.67 45.11 -27.16
N TYR F 157 -20.90 45.94 -26.44
CA TYR F 157 -21.52 46.99 -25.63
C TYR F 157 -22.15 48.09 -26.47
N LYS F 158 -21.53 48.46 -27.60
CA LYS F 158 -22.12 49.51 -28.43
C LYS F 158 -23.54 49.13 -28.84
N LYS F 159 -23.77 47.85 -29.05
CA LYS F 159 -25.12 47.35 -29.28
C LYS F 159 -25.91 47.53 -27.98
N ALA F 160 -26.47 48.73 -27.79
CA ALA F 160 -27.30 49.05 -26.64
C ALA F 160 -28.66 49.58 -27.10
N GLU F 164 -29.41 46.55 -30.81
CA GLU F 164 -29.49 45.54 -31.85
C GLU F 164 -29.07 44.15 -31.32
N ILE F 165 -28.63 44.12 -30.07
CA ILE F 165 -28.35 42.89 -29.33
C ILE F 165 -29.25 42.88 -28.10
N LYS F 166 -29.91 41.75 -27.83
CA LYS F 166 -30.95 41.70 -26.81
C LYS F 166 -30.48 41.00 -25.54
N ASP F 167 -31.16 41.34 -24.44
CA ASP F 167 -31.01 40.68 -23.15
C ASP F 167 -29.52 40.54 -22.78
N PHE F 168 -28.79 41.65 -22.92
CA PHE F 168 -27.35 41.65 -22.73
C PHE F 168 -26.98 41.99 -21.29
N THR F 169 -26.19 41.12 -20.67
CA THR F 169 -25.80 41.28 -19.27
C THR F 169 -25.13 42.63 -19.04
N GLY F 170 -25.67 43.39 -18.08
CA GLY F 170 -25.14 44.69 -17.73
C GLY F 170 -25.79 45.86 -18.46
N ILE F 171 -26.48 45.62 -19.57
CA ILE F 171 -27.14 46.69 -20.28
C ILE F 171 -28.65 46.45 -20.23
N SER F 172 -29.08 45.32 -20.79
CA SER F 172 -30.48 44.95 -20.88
C SER F 172 -30.80 43.63 -20.17
N ALA F 173 -29.84 43.08 -19.45
CA ALA F 173 -30.03 41.92 -18.60
C ALA F 173 -29.24 42.18 -17.32
N PRO F 174 -29.65 41.58 -16.20
CA PRO F 174 -28.98 41.87 -14.93
C PRO F 174 -27.71 41.04 -14.75
N TYR F 175 -26.74 41.62 -14.05
CA TYR F 175 -25.63 40.85 -13.51
C TYR F 175 -25.73 40.90 -11.99
N GLU F 176 -25.70 39.73 -11.35
CA GLU F 176 -25.85 39.61 -9.90
C GLU F 176 -24.48 39.30 -9.30
N ALA F 177 -23.80 40.35 -8.82
CA ALA F 177 -22.44 40.21 -8.35
C ALA F 177 -22.40 39.42 -7.03
N PRO F 178 -21.40 38.56 -6.84
CA PRO F 178 -21.33 37.83 -5.57
C PRO F 178 -21.00 38.74 -4.40
N ALA F 179 -21.72 38.53 -3.30
CA ALA F 179 -21.50 39.27 -2.07
C ALA F 179 -20.37 38.65 -1.26
N ASN F 180 -20.03 37.39 -1.55
CA ASN F 180 -19.07 36.65 -0.77
C ASN F 180 -18.24 35.70 -1.63
N PRO F 181 -17.46 36.22 -2.58
CA PRO F 181 -16.61 35.36 -3.39
C PRO F 181 -15.33 35.00 -2.65
N GLU F 182 -14.66 33.95 -3.12
CA GLU F 182 -13.35 33.62 -2.58
C GLU F 182 -12.31 34.67 -2.97
N ILE F 183 -12.38 35.17 -4.21
CA ILE F 183 -11.45 36.17 -4.73
C ILE F 183 -12.21 37.28 -5.43
N HIS F 184 -11.78 38.52 -5.24
CA HIS F 184 -12.34 39.68 -5.92
C HIS F 184 -11.18 40.41 -6.58
N ILE F 185 -11.21 40.48 -7.92
CA ILE F 185 -10.12 41.07 -8.69
C ILE F 185 -10.68 42.27 -9.43
N ARG F 186 -10.10 43.44 -9.18
CA ARG F 186 -10.45 44.67 -9.88
C ARG F 186 -9.52 44.80 -11.07
N THR F 187 -10.01 44.41 -12.25
CA THR F 187 -9.19 44.38 -13.44
C THR F 187 -8.97 45.76 -14.05
N ASP F 188 -9.63 46.80 -13.52
CA ASP F 188 -9.28 48.17 -13.90
C ASP F 188 -8.12 48.69 -13.06
N GLU F 189 -7.71 47.94 -12.05
CA GLU F 189 -6.64 48.32 -11.16
C GLU F 189 -5.42 47.40 -11.24
N VAL F 190 -5.57 46.22 -11.83
CA VAL F 190 -4.52 45.20 -11.89
C VAL F 190 -4.34 44.75 -13.33
N ASP F 191 -3.10 44.47 -13.72
CA ASP F 191 -2.87 43.93 -15.05
C ASP F 191 -3.15 42.43 -15.05
N VAL F 192 -3.00 41.80 -16.21
CA VAL F 192 -3.32 40.39 -16.33
C VAL F 192 -2.38 39.54 -15.49
N ALA F 193 -1.08 39.82 -15.58
CA ALA F 193 -0.10 39.03 -14.83
C ALA F 193 -0.32 39.18 -13.33
N GLY F 194 -0.66 40.39 -12.88
CA GLY F 194 -0.93 40.59 -11.47
C GLY F 194 -2.18 39.87 -11.00
N ALA F 195 -3.19 39.78 -11.86
CA ALA F 195 -4.38 39.03 -11.50
C ALA F 195 -4.09 37.54 -11.39
N VAL F 196 -3.34 36.99 -12.35
CA VAL F 196 -2.98 35.58 -12.30
C VAL F 196 -2.20 35.29 -11.02
N GLU F 197 -1.29 36.20 -10.64
CA GLU F 197 -0.51 36.03 -9.42
C GLU F 197 -1.43 35.98 -8.19
N ILE F 198 -2.47 36.81 -8.20
CA ILE F 198 -3.43 36.80 -7.11
C ILE F 198 -4.13 35.44 -7.01
N ILE F 199 -4.63 34.93 -8.13
CA ILE F 199 -5.29 33.62 -8.09
C ILE F 199 -4.28 32.54 -7.69
N THR F 200 -3.08 32.61 -8.26
CA THR F 200 -2.07 31.60 -7.97
C THR F 200 -1.68 31.57 -6.50
N LYS F 201 -1.51 32.76 -5.90
CA LYS F 201 -1.15 32.81 -4.48
C LYS F 201 -2.27 32.24 -3.61
N TYR F 202 -3.52 32.51 -3.99
CA TYR F 202 -4.64 31.93 -3.24
C TYR F 202 -4.60 30.41 -3.29
N LEU F 203 -4.27 29.84 -4.46
CA LEU F 203 -4.23 28.39 -4.59
C LEU F 203 -3.18 27.77 -3.66
N ALA F 204 -1.94 28.28 -3.72
CA ALA F 204 -0.88 27.70 -2.90
C ALA F 204 -1.17 27.88 -1.42
N ASP F 205 -1.66 29.06 -1.03
CA ASP F 205 -1.97 29.34 0.38
C ASP F 205 -3.06 28.43 0.92
N ASN F 206 -3.83 27.78 0.06
CA ASN F 206 -4.91 26.89 0.47
C ASN F 206 -4.56 25.43 0.19
N GLY F 207 -3.28 25.13 -0.02
CA GLY F 207 -2.82 23.77 -0.18
C GLY F 207 -3.24 23.05 -1.44
N LEU F 208 -3.86 23.74 -2.41
CA LEU F 208 -4.33 23.05 -3.59
C LEU F 208 -3.26 22.89 -4.66
N ILE F 209 -2.19 23.68 -4.60
CA ILE F 209 -1.05 23.49 -5.49
C ILE F 209 0.19 23.48 -4.63
N PRO F 210 1.26 22.79 -5.05
CA PRO F 210 2.43 22.67 -4.18
C PRO F 210 3.04 24.00 -3.81
N ALA F 211 3.67 24.03 -2.65
CA ALA F 211 4.30 25.22 -2.12
C ALA F 211 5.51 25.58 -2.98
PB ADP G . 7.67 -24.12 6.58
O1B ADP G . 6.45 -23.38 7.09
O2B ADP G . 7.32 -25.08 5.45
O3B ADP G . 8.50 -24.81 7.67
PA ADP G . 8.85 -21.54 6.26
O1A ADP G . 8.84 -21.33 7.74
O2A ADP G . 7.86 -20.78 5.42
O3A ADP G . 8.67 -23.10 5.85
O5' ADP G . 10.35 -21.27 5.75
C5' ADP G . 10.70 -21.45 4.37
C4' ADP G . 12.00 -20.69 4.09
O4' ADP G . 12.41 -20.86 2.73
C3' ADP G . 11.79 -19.20 4.32
O3' ADP G . 12.99 -18.67 4.89
C2' ADP G . 11.65 -18.64 2.92
O2' ADP G . 12.09 -17.27 2.89
C1' ADP G . 12.52 -19.57 2.09
N9 ADP G . 12.04 -19.65 0.68
C8 ADP G . 12.80 -19.49 -0.42
N7 ADP G . 12.07 -19.60 -1.55
C5 ADP G . 10.78 -19.82 -1.20
C6 ADP G . 9.49 -20.04 -1.89
N6 ADP G . 9.40 -20.02 -3.25
N1 ADP G . 8.39 -20.23 -1.12
C2 ADP G . 8.45 -20.23 0.21
N3 ADP G . 9.60 -20.07 0.92
C4 ADP G . 10.77 -19.84 0.28
C1 EDO H . -11.74 -32.77 -5.09
O1 EDO H . -12.11 -34.15 -5.03
C2 EDO H . -12.49 -31.97 -4.04
O2 EDO H . -12.09 -32.39 -2.73
PB ADP I . -32.44 -23.85 22.66
O1B ADP I . -32.16 -22.84 23.77
O2B ADP I . -31.52 -23.66 21.49
O3B ADP I . -32.60 -25.27 23.18
PA ADP I . -34.49 -23.67 20.68
O1A ADP I . -34.17 -22.49 19.87
O2A ADP I . -34.10 -25.04 20.22
O3A ADP I . -33.92 -23.42 22.19
O5' ADP I . -36.08 -23.71 20.87
C5' ADP I . -36.84 -22.60 21.32
C4' ADP I . -38.31 -22.95 21.08
O4' ADP I . -39.07 -21.89 21.60
C3' ADP I . -38.61 -22.99 19.58
O3' ADP I . -39.71 -23.87 19.35
C2' ADP I . -39.07 -21.60 19.27
O2' ADP I . -39.93 -21.56 18.12
C1' ADP I . -39.81 -21.27 20.55
N9 ADP I . -39.89 -19.83 20.82
C8 ADP I . -41.04 -19.21 21.12
N7 ADP I . -40.84 -17.90 21.33
C5 ADP I . -39.54 -17.67 21.17
C6 ADP I . -38.69 -16.47 21.27
N6 ADP I . -39.29 -15.31 21.59
N1 ADP I . -37.37 -16.60 21.02
C2 ADP I . -36.84 -17.79 20.70
N3 ADP I . -37.55 -18.93 20.61
C4 ADP I . -38.89 -18.93 20.82
C1 EDO J . -15.51 -7.14 25.89
O1 EDO J . -15.35 -8.57 25.89
C2 EDO J . -16.76 -6.72 25.12
O2 EDO J . -17.94 -7.34 25.69
C1 EDO K . -10.19 -27.78 31.05
O1 EDO K . -10.84 -28.54 30.00
C2 EDO K . -10.08 -26.30 30.73
O2 EDO K . -11.30 -25.54 30.81
PB ADP L . -19.73 -4.17 -17.59
O1B ADP L . -19.15 -2.96 -16.90
O2B ADP L . -19.25 -4.33 -19.01
O3B ADP L . -21.22 -4.29 -17.39
PA ADP L . -18.79 -5.57 -15.30
O1A ADP L . -19.90 -5.12 -14.37
O2A ADP L . -17.40 -4.99 -15.13
O3A ADP L . -19.18 -5.48 -16.86
O5' ADP L . -18.70 -7.17 -15.14
C5' ADP L . -17.46 -7.78 -14.90
C4' ADP L . -17.63 -9.05 -14.09
O4' ADP L . -17.08 -10.15 -14.82
C3' ADP L . -16.84 -8.90 -12.81
O3' ADP L . -17.56 -9.55 -11.74
C2' ADP L . -15.53 -9.58 -13.13
O2' ADP L . -15.00 -10.22 -11.95
C1' ADP L . -15.86 -10.59 -14.21
N9 ADP L . -14.77 -10.74 -15.22
C8 ADP L . -14.32 -11.93 -15.68
N7 ADP L . -13.32 -11.80 -16.58
C5 ADP L . -13.08 -10.48 -16.71
C6 ADP L . -12.14 -9.66 -17.51
N6 ADP L . -11.24 -10.23 -18.35
N1 ADP L . -12.21 -8.32 -17.37
C2 ADP L . -13.11 -7.75 -16.53
N3 ADP L . -13.99 -8.43 -15.78
C4 ADP L . -14.03 -9.78 -15.82
PB ADP M . 18.82 9.86 -13.57
O1B ADP M . 18.70 9.67 -12.09
O2B ADP M . 19.46 8.69 -14.27
O3B ADP M . 19.48 11.15 -14.02
PA ADP M . 15.96 10.26 -13.24
O1A ADP M . 16.08 11.54 -12.48
O2A ADP M . 15.55 9.01 -12.47
O3A ADP M . 17.29 9.89 -14.12
O5' ADP M . 14.87 10.51 -14.40
C5' ADP M . 14.09 9.43 -14.94
C4' ADP M . 12.80 9.91 -15.59
O4' ADP M . 12.40 8.97 -16.60
C3' ADP M . 11.66 9.95 -14.58
O3' ADP M . 10.77 11.03 -14.89
C2' ADP M . 10.90 8.68 -14.84
O2' ADP M . 9.54 8.84 -14.45
C1' ADP M . 11.09 8.46 -16.33
N9 ADP M . 11.04 7.01 -16.68
C8 ADP M . 10.31 6.44 -17.66
N7 ADP M . 10.49 5.09 -17.69
C5 ADP M . 11.34 4.78 -16.69
C6 ADP M . 11.97 3.56 -16.15
N6 ADP M . 11.75 2.32 -16.64
N1 ADP M . 12.81 3.69 -15.10
C2 ADP M . 13.09 4.88 -14.55
N3 ADP M . 12.55 6.04 -14.99
C4 ADP M . 11.70 6.05 -16.04
PB ADP N . 40.75 4.71 22.99
O1B ADP N . 39.89 5.67 23.77
O2B ADP N . 40.01 3.83 22.02
O3B ADP N . 42.00 5.35 22.47
PA ADP N . 41.06 2.05 23.86
O1A ADP N . 39.64 1.68 24.18
O2A ADP N . 41.63 1.60 22.54
O3A ADP N . 41.24 3.64 24.07
O5' ADP N . 41.98 1.45 25.06
C5' ADP N . 41.36 0.66 26.08
C4' ADP N . 42.36 -0.16 26.91
O4' ADP N . 42.26 0.20 28.28
C3' ADP N . 42.05 -1.63 26.85
O3' ADP N . 43.28 -2.37 26.88
C2' ADP N . 41.26 -1.93 28.10
O2' ADP N . 41.60 -3.25 28.57
C1' ADP N . 41.73 -0.86 29.08
N9 ADP N . 40.70 -0.25 29.97
C8 ADP N . 40.94 0.03 31.27
N7 ADP N . 39.87 0.60 31.87
C5 ADP N . 38.90 0.72 30.94
C6 ADP N . 37.51 1.23 30.92
N6 ADP N . 36.95 1.75 32.04
N1 ADP N . 36.83 1.17 29.76
C2 ADP N . 37.39 0.66 28.65
N3 ADP N . 38.65 0.16 28.59
C4 ADP N . 39.45 0.15 29.68
PB ADP O . -14.26 38.16 -21.14
O1B ADP O . -14.75 38.43 -19.74
O2B ADP O . -13.49 36.87 -21.26
O3B ADP O . -15.32 38.34 -22.20
PA ADP O . -11.92 39.17 -22.43
O1A ADP O . -10.74 38.60 -21.69
O2A ADP O . -12.35 38.48 -23.70
O3A ADP O . -13.17 39.32 -21.41
O5' ADP O . -11.62 40.71 -22.77
C5' ADP O . -11.06 41.58 -21.79
C4' ADP O . -10.21 42.65 -22.48
O4' ADP O . -9.73 43.62 -21.54
C3' ADP O . -9.00 41.99 -23.12
O3' ADP O . -8.80 42.57 -24.40
C2' ADP O . -7.83 42.39 -22.24
O2' ADP O . -6.64 42.57 -23.02
C1' ADP O . -8.30 43.69 -21.62
N9 ADP O . -7.68 43.88 -20.28
C8 ADP O . -7.02 44.99 -19.88
N7 ADP O . -6.55 44.88 -18.61
C5 ADP O . -6.90 43.66 -18.18
C6 ADP O . -6.72 42.90 -16.93
N6 ADP O . -6.05 43.43 -15.87
N1 ADP O . -7.23 41.64 -16.88
C2 ADP O . -7.90 41.10 -17.92
N3 ADP O . -8.10 41.74 -19.08
C4 ADP O . -7.64 43.00 -19.28
#